data_8YHT
#
_entry.id   8YHT
#
_cell.length_a   1.00
_cell.length_b   1.00
_cell.length_c   1.00
_cell.angle_alpha   90.00
_cell.angle_beta   90.00
_cell.angle_gamma   90.00
#
_symmetry.space_group_name_H-M   'P 1'
#
loop_
_entity.id
_entity.type
_entity.pdbx_description
1 polymer 'Toll-like receptor 3'
2 polymer 'minibinder 7.7'
3 branched 2-acetamido-2-deoxy-beta-D-glucopyranose-(1-4)-2-acetamido-2-deoxy-beta-D-glucopyranose
4 non-polymer 2-acetamido-2-deoxy-beta-D-glucopyranose
#
loop_
_entity_poly.entity_id
_entity_poly.type
_entity_poly.pdbx_seq_one_letter_code
_entity_poly.pdbx_strand_id
1 'polypeptide(L)'
;KCTVSHEVADCSHLKLTQVPDDLPTNITVLNLTHNQLRRLPAANFTRYSQLTSLDVGFNTISKLEPELCQKLPMLKVLNL
QHNELSQLSDKTFAFCTNLTELHLMSNSIQKIKNNPFVKQKNLITLDLSHNGLSSTKLGTQVQLENLQELLLSNNKIQAL
KSEELDIFANSSLKKLELSSNQIKEFSPGCFHAIGRLFGLFLNNVQLGPSLTEKLCLELANTSIRNLSLSNSQLSTTSNT
TFLGLKWTNLTMLDLSYNNLNVVGNDSFAWLPQLEYFFLEYNNIQHLFSHSLHGLFNVRYLNLKRSFTKQSISLASLPKI
DDFSFQWLKCLEHLNMEDNDIPGIKSNMFTGLINLKYLSLSNSFTSLRTLTNETFVSLAHSPLHILNLTKNKISKIESDA
FSWLGHLEVLDLGLNEIGQELTGQEWRGLENIFEIYLSYNKYLQLTRNSFALVPSLQRLMLRRVALKNVDSSPSPFQPLR
NLTILDLSNNNIANINDDMLEGLEKLEILDLQHNNLARLWKHANPGGPIYFLKGLSHLHILNLESNGFDEIPVEVFKDLF
ELKIIDLGLNNLNTLPASVFNNQVSLKSLNLQKNLITSVEKKVFGPAFRNLTELDMRFNPFDCTCESIAWFVNWINETHT
NIPELSSHYLCNTPPHYHGFPVRLFDTSSCKDSA
;
A
2 'polypeptide(L)' SAMEYYVKELLRTAEYAREAGDPEYVRKALEKAELVARILHNEELKEEIREVEEEL B
#
# COMPACT_ATOMS: atom_id res chain seq x y z
N LYS A 1 27.33 -10.15 -24.53
CA LYS A 1 27.61 -10.95 -23.35
C LYS A 1 26.68 -10.57 -22.19
N CYS A 2 27.13 -9.61 -21.39
CA CYS A 2 26.36 -9.13 -20.24
C CYS A 2 26.09 -7.64 -20.39
N THR A 3 24.87 -7.23 -20.09
CA THR A 3 24.49 -5.83 -20.17
C THR A 3 25.18 -5.04 -19.05
N VAL A 4 25.83 -3.95 -19.41
CA VAL A 4 26.48 -3.06 -18.45
C VAL A 4 25.83 -1.68 -18.57
N SER A 5 25.22 -1.22 -17.48
CA SER A 5 24.58 0.10 -17.51
C SER A 5 25.59 1.21 -17.26
N HIS A 6 26.13 1.28 -16.04
CA HIS A 6 27.21 2.20 -15.73
C HIS A 6 28.46 1.48 -15.24
N GLU A 7 28.34 0.68 -14.17
CA GLU A 7 29.49 -0.04 -13.61
C GLU A 7 29.11 -1.44 -13.13
N VAL A 8 27.97 -1.96 -13.53
CA VAL A 8 27.50 -3.28 -13.09
C VAL A 8 27.37 -4.18 -14.32
N ALA A 9 28.04 -5.33 -14.26
CA ALA A 9 27.95 -6.32 -15.33
C ALA A 9 26.94 -7.39 -14.97
N ASP A 10 25.66 -7.01 -15.06
CA ASP A 10 24.57 -7.83 -14.52
C ASP A 10 24.40 -9.04 -15.44
N CYS A 11 25.26 -10.05 -15.22
CA CYS A 11 25.09 -11.36 -15.84
C CYS A 11 24.06 -12.13 -15.02
N SER A 12 22.78 -11.88 -15.33
CA SER A 12 21.71 -12.39 -14.48
C SER A 12 21.63 -13.92 -14.53
N HIS A 13 21.32 -14.47 -15.70
CA HIS A 13 21.16 -15.93 -15.84
C HIS A 13 21.89 -16.36 -17.10
N LEU A 14 23.16 -16.68 -16.95
CA LEU A 14 24.01 -17.16 -18.04
C LEU A 14 24.80 -18.34 -17.50
N LYS A 15 24.23 -19.54 -17.62
CA LYS A 15 24.88 -20.74 -17.11
C LYS A 15 26.28 -20.88 -17.69
N LEU A 16 27.30 -20.77 -16.83
CA LEU A 16 28.68 -20.72 -17.28
C LEU A 16 29.55 -21.51 -16.33
N THR A 17 30.77 -21.83 -16.79
CA THR A 17 31.75 -22.52 -15.99
C THR A 17 32.93 -21.64 -15.60
N GLN A 18 33.28 -20.67 -16.43
CA GLN A 18 34.41 -19.78 -16.17
C GLN A 18 33.92 -18.34 -16.13
N VAL A 19 34.79 -17.45 -15.66
CA VAL A 19 34.48 -16.03 -15.59
C VAL A 19 34.36 -15.49 -17.01
N PRO A 20 33.64 -14.38 -17.24
CA PRO A 20 33.49 -13.89 -18.62
C PRO A 20 34.80 -13.57 -19.30
N ASP A 21 35.78 -13.04 -18.56
CA ASP A 21 37.13 -12.78 -19.04
C ASP A 21 37.19 -11.76 -20.18
N ASP A 22 36.12 -11.01 -20.42
CA ASP A 22 36.12 -10.02 -21.49
C ASP A 22 35.46 -8.70 -21.13
N LEU A 23 34.99 -8.54 -19.89
CA LEU A 23 34.42 -7.27 -19.46
C LEU A 23 35.52 -6.26 -19.16
N PRO A 24 35.18 -4.97 -19.13
CA PRO A 24 36.18 -3.96 -18.75
C PRO A 24 36.71 -4.21 -17.34
N THR A 25 37.99 -3.91 -17.16
CA THR A 25 38.66 -4.20 -15.90
C THR A 25 38.20 -3.33 -14.74
N ASN A 26 37.41 -2.28 -15.01
CA ASN A 26 37.00 -1.35 -13.97
C ASN A 26 35.61 -1.65 -13.41
N ILE A 27 35.03 -2.80 -13.74
CA ILE A 27 33.73 -3.18 -13.21
C ILE A 27 33.88 -3.58 -11.75
N THR A 28 32.80 -3.39 -10.99
CA THR A 28 32.80 -3.68 -9.56
C THR A 28 31.79 -4.76 -9.18
N VAL A 29 30.55 -4.64 -9.64
CA VAL A 29 29.49 -5.57 -9.26
C VAL A 29 29.39 -6.62 -10.36
N LEU A 30 30.16 -7.69 -10.20
CA LEU A 30 30.10 -8.83 -11.12
C LEU A 30 28.99 -9.77 -10.65
N ASN A 31 27.75 -9.31 -10.86
CA ASN A 31 26.57 -9.98 -10.33
C ASN A 31 26.29 -11.26 -11.13
N LEU A 32 27.02 -12.31 -10.78
CA LEU A 32 26.80 -13.63 -11.36
C LEU A 32 25.90 -14.45 -10.42
N THR A 33 24.62 -14.09 -10.44
CA THR A 33 23.70 -14.56 -9.41
C THR A 33 23.20 -16.00 -9.62
N HIS A 34 23.42 -16.60 -10.79
CA HIS A 34 23.10 -18.02 -10.96
C HIS A 34 24.08 -18.79 -11.84
N ASN A 35 25.22 -18.20 -12.22
CA ASN A 35 25.97 -18.76 -13.34
C ASN A 35 26.82 -19.96 -12.97
N GLN A 36 26.24 -20.91 -12.23
CA GLN A 36 26.67 -22.30 -12.15
C GLN A 36 28.20 -22.48 -12.21
N LEU A 37 28.91 -21.68 -11.43
CA LEU A 37 30.36 -21.85 -11.38
C LEU A 37 30.72 -22.95 -10.40
N ARG A 38 31.98 -23.40 -10.47
CA ARG A 38 32.49 -24.41 -9.56
C ARG A 38 33.86 -24.10 -8.99
N ARG A 39 34.58 -23.12 -9.53
CA ARG A 39 35.90 -22.76 -9.03
C ARG A 39 36.13 -21.27 -9.29
N LEU A 40 36.85 -20.63 -8.35
CA LEU A 40 37.19 -19.22 -8.44
C LEU A 40 38.70 -19.09 -8.21
N PRO A 41 39.51 -19.41 -9.22
CA PRO A 41 40.96 -19.35 -9.06
C PRO A 41 41.46 -17.91 -9.06
N ALA A 42 42.71 -17.76 -8.62
CA ALA A 42 43.35 -16.46 -8.51
C ALA A 42 44.12 -16.06 -9.76
N ALA A 43 43.79 -16.66 -10.91
CA ALA A 43 44.43 -16.32 -12.18
C ALA A 43 43.52 -15.50 -13.08
N ASN A 44 42.28 -15.93 -13.28
CA ASN A 44 41.34 -15.16 -14.08
C ASN A 44 40.90 -13.89 -13.35
N PHE A 45 40.89 -13.91 -12.02
CA PHE A 45 40.50 -12.75 -11.24
C PHE A 45 41.50 -11.62 -11.30
N THR A 46 42.69 -11.86 -11.86
CA THR A 46 43.72 -10.83 -11.89
C THR A 46 43.28 -9.61 -12.68
N ARG A 47 42.61 -9.84 -13.82
CA ARG A 47 42.13 -8.71 -14.63
C ARG A 47 41.11 -7.89 -13.88
N TYR A 48 40.26 -8.54 -13.07
CA TYR A 48 39.25 -7.84 -12.28
C TYR A 48 39.95 -7.15 -11.11
N SER A 49 40.59 -6.02 -11.42
CA SER A 49 41.37 -5.28 -10.44
C SER A 49 40.55 -4.25 -9.66
N GLN A 50 39.28 -4.03 -10.05
CA GLN A 50 38.42 -3.09 -9.35
C GLN A 50 37.13 -3.76 -8.87
N LEU A 51 37.16 -5.08 -8.67
CA LEU A 51 35.99 -5.79 -8.18
C LEU A 51 35.66 -5.36 -6.76
N THR A 52 34.40 -5.02 -6.52
CA THR A 52 33.95 -4.55 -5.22
C THR A 52 32.87 -5.42 -4.61
N SER A 53 31.83 -5.77 -5.38
CA SER A 53 30.69 -6.53 -4.87
C SER A 53 30.56 -7.82 -5.67
N LEU A 54 31.26 -8.85 -5.23
CA LEU A 54 31.22 -10.16 -5.88
C LEU A 54 30.04 -10.94 -5.33
N ASP A 55 29.00 -11.10 -6.13
CA ASP A 55 27.80 -11.85 -5.73
C ASP A 55 27.68 -13.06 -6.64
N VAL A 56 27.91 -14.24 -6.10
CA VAL A 56 27.87 -15.48 -6.87
C VAL A 56 26.87 -16.44 -6.24
N GLY A 57 25.79 -15.91 -5.66
CA GLY A 57 24.84 -16.73 -4.93
C GLY A 57 24.17 -17.78 -5.80
N PHE A 58 23.48 -18.69 -5.12
CA PHE A 58 22.74 -19.78 -5.77
C PHE A 58 23.65 -20.58 -6.71
N ASN A 59 24.82 -20.95 -6.21
CA ASN A 59 25.87 -21.57 -7.01
C ASN A 59 26.35 -22.83 -6.31
N THR A 60 27.24 -23.56 -6.98
CA THR A 60 27.81 -24.80 -6.46
C THR A 60 29.32 -24.64 -6.36
N ILE A 61 29.78 -24.11 -5.23
CA ILE A 61 31.21 -23.94 -4.95
C ILE A 61 31.52 -24.68 -3.65
N SER A 62 32.63 -25.42 -3.65
CA SER A 62 33.01 -26.22 -2.50
C SER A 62 34.34 -25.82 -1.87
N LYS A 63 35.13 -24.95 -2.50
CA LYS A 63 36.42 -24.58 -1.95
C LYS A 63 36.75 -23.15 -2.36
N LEU A 64 37.33 -22.39 -1.43
CA LEU A 64 37.80 -21.03 -1.67
C LEU A 64 39.25 -20.95 -1.17
N GLU A 65 40.20 -21.02 -2.09
CA GLU A 65 41.60 -20.93 -1.72
C GLU A 65 41.93 -19.51 -1.25
N PRO A 66 42.87 -19.37 -0.30
CA PRO A 66 43.21 -18.03 0.21
C PRO A 66 43.79 -17.12 -0.86
N GLU A 67 44.36 -17.68 -1.93
CA GLU A 67 44.95 -16.86 -2.98
C GLU A 67 43.94 -15.90 -3.58
N LEU A 68 42.65 -16.27 -3.54
CA LEU A 68 41.61 -15.38 -4.05
C LEU A 68 41.63 -14.03 -3.36
N CYS A 69 41.92 -14.00 -2.06
CA CYS A 69 41.97 -12.73 -1.35
C CYS A 69 43.29 -12.01 -1.49
N GLN A 70 44.30 -12.62 -2.11
CA GLN A 70 45.53 -11.89 -2.43
C GLN A 70 45.25 -10.75 -3.38
N LYS A 71 44.53 -11.03 -4.47
CA LYS A 71 44.34 -10.07 -5.56
C LYS A 71 43.11 -9.19 -5.38
N LEU A 72 42.39 -9.32 -4.28
CA LEU A 72 41.16 -8.55 -4.04
C LEU A 72 41.25 -7.86 -2.69
N PRO A 73 42.05 -6.80 -2.58
CA PRO A 73 42.04 -5.99 -1.35
C PRO A 73 40.94 -4.94 -1.35
N MET A 74 40.37 -4.61 -2.50
CA MET A 74 39.30 -3.63 -2.60
C MET A 74 37.92 -4.24 -2.44
N LEU A 75 37.83 -5.56 -2.27
CA LEU A 75 36.53 -6.21 -2.11
C LEU A 75 35.85 -5.70 -0.84
N LYS A 76 34.56 -5.39 -0.94
CA LYS A 76 33.78 -4.91 0.17
C LYS A 76 32.78 -5.93 0.68
N VAL A 77 32.05 -6.58 -0.22
CA VAL A 77 31.01 -7.54 0.16
C VAL A 77 31.18 -8.82 -0.66
N LEU A 78 31.04 -9.95 0.00
CA LEU A 78 30.96 -11.25 -0.63
C LEU A 78 29.64 -11.90 -0.22
N ASN A 79 29.05 -12.66 -1.13
CA ASN A 79 27.77 -13.32 -0.87
C ASN A 79 27.82 -14.72 -1.48
N LEU A 80 28.20 -15.70 -0.66
CA LEU A 80 28.23 -17.10 -1.06
C LEU A 80 26.95 -17.77 -0.56
N GLN A 81 26.00 -17.98 -1.45
CA GLN A 81 24.70 -18.55 -1.11
C GLN A 81 24.52 -19.91 -1.76
N HIS A 82 23.95 -20.83 -0.99
CA HIS A 82 23.56 -22.15 -1.49
C HIS A 82 24.73 -22.94 -2.06
N ASN A 83 25.94 -22.65 -1.57
CA ASN A 83 27.12 -23.40 -1.97
C ASN A 83 27.25 -24.65 -1.10
N GLU A 84 28.38 -25.33 -1.20
CA GLU A 84 28.63 -26.56 -0.46
C GLU A 84 29.87 -26.43 0.41
N LEU A 85 30.00 -25.30 1.10
CA LEU A 85 31.16 -25.07 1.96
C LEU A 85 30.98 -25.72 3.31
N SER A 86 30.62 -27.01 3.34
CA SER A 86 30.50 -27.73 4.59
C SER A 86 31.85 -27.80 5.31
N GLN A 87 32.90 -28.12 4.56
CA GLN A 87 34.25 -28.17 5.12
C GLN A 87 34.86 -26.78 5.09
N LEU A 88 35.46 -26.37 6.20
CA LEU A 88 36.07 -25.06 6.33
C LEU A 88 37.46 -25.19 6.90
N SER A 89 38.30 -24.20 6.60
CA SER A 89 39.69 -24.18 7.01
C SER A 89 40.00 -22.90 7.80
N ASP A 90 41.12 -22.93 8.52
CA ASP A 90 41.53 -21.78 9.30
C ASP A 90 41.99 -20.63 8.41
N LYS A 91 42.50 -20.93 7.22
CA LYS A 91 43.10 -19.92 6.35
C LYS A 91 42.25 -19.65 5.11
N THR A 92 40.97 -20.06 5.12
CA THR A 92 40.10 -19.74 3.99
C THR A 92 39.92 -18.23 3.84
N PHE A 93 39.87 -17.50 4.96
CA PHE A 93 40.02 -16.05 4.94
C PHE A 93 40.54 -15.64 6.32
N ALA A 94 41.85 -15.41 6.42
CA ALA A 94 42.46 -14.98 7.67
C ALA A 94 43.03 -13.58 7.55
N PHE A 95 43.94 -13.35 6.59
CA PHE A 95 44.42 -12.00 6.31
C PHE A 95 43.40 -11.16 5.57
N CYS A 96 42.37 -11.79 5.00
CA CYS A 96 41.42 -11.12 4.12
C CYS A 96 40.46 -10.26 4.93
N THR A 97 40.95 -9.12 5.43
CA THR A 97 40.16 -8.25 6.29
C THR A 97 40.07 -6.87 5.64
N ASN A 98 39.13 -6.75 4.71
CA ASN A 98 38.68 -5.44 4.22
C ASN A 98 37.18 -5.43 3.95
N LEU A 99 36.44 -6.44 4.41
CA LEU A 99 35.04 -6.57 4.08
C LEU A 99 34.20 -5.52 4.80
N THR A 100 33.01 -5.28 4.26
CA THR A 100 32.01 -4.44 4.92
C THR A 100 30.69 -5.17 5.11
N GLU A 101 30.66 -6.47 4.82
CA GLU A 101 29.47 -7.31 4.93
C GLU A 101 29.92 -8.71 4.56
N LEU A 102 29.13 -9.70 4.98
CA LEU A 102 29.43 -11.09 4.69
C LEU A 102 28.15 -11.90 4.79
N HIS A 103 27.99 -12.85 3.89
CA HIS A 103 26.80 -13.70 3.87
C HIS A 103 27.20 -15.10 3.44
N LEU A 104 26.74 -16.09 4.19
CA LEU A 104 27.05 -17.48 3.91
C LEU A 104 25.80 -18.34 4.10
N MET A 105 24.67 -17.86 3.57
CA MET A 105 23.41 -18.55 3.77
C MET A 105 23.41 -19.91 3.09
N SER A 106 22.86 -20.90 3.79
CA SER A 106 22.60 -22.24 3.25
C SER A 106 23.87 -22.89 2.71
N ASN A 107 24.98 -22.70 3.41
CA ASN A 107 26.23 -23.37 3.07
C ASN A 107 26.35 -24.74 3.72
N SER A 108 25.38 -25.13 4.56
CA SER A 108 25.33 -26.43 5.20
C SER A 108 26.60 -26.71 6.00
N ILE A 109 26.85 -25.86 6.98
CA ILE A 109 27.98 -26.05 7.89
C ILE A 109 27.46 -26.65 9.18
N GLN A 110 27.98 -27.83 9.54
CA GLN A 110 27.64 -28.50 10.78
C GLN A 110 28.68 -28.30 11.87
N LYS A 111 29.75 -27.56 11.60
CA LYS A 111 30.81 -27.38 12.57
C LYS A 111 31.55 -26.07 12.29
N ILE A 112 32.02 -25.44 13.36
CA ILE A 112 32.82 -24.23 13.26
C ILE A 112 34.31 -24.50 13.38
N LYS A 113 34.70 -25.77 13.53
CA LYS A 113 36.10 -26.21 13.64
C LYS A 113 36.69 -25.54 14.87
N ASN A 114 37.73 -24.70 14.74
CA ASN A 114 38.36 -24.07 15.88
C ASN A 114 38.20 -22.56 15.88
N ASN A 115 38.62 -21.91 14.81
CA ASN A 115 38.59 -20.45 14.72
C ASN A 115 38.69 -20.04 13.26
N PRO A 116 37.62 -20.14 12.48
CA PRO A 116 37.73 -19.84 11.05
C PRO A 116 38.12 -18.41 10.74
N PHE A 117 37.93 -17.50 11.68
CA PHE A 117 38.21 -16.09 11.45
C PHE A 117 38.42 -15.42 12.80
N VAL A 118 39.50 -14.65 12.92
CA VAL A 118 39.93 -14.14 14.22
C VAL A 118 40.22 -12.65 14.23
N LYS A 119 40.38 -11.98 13.09
CA LYS A 119 40.64 -10.53 13.11
C LYS A 119 39.36 -9.73 12.96
N GLN A 120 38.69 -9.87 11.82
CA GLN A 120 37.38 -9.27 11.55
C GLN A 120 37.32 -7.81 12.00
N LYS A 121 38.15 -6.99 11.37
CA LYS A 121 38.26 -5.59 11.78
C LYS A 121 37.11 -4.72 11.28
N ASN A 122 36.39 -5.16 10.24
CA ASN A 122 35.33 -4.32 9.68
C ASN A 122 34.10 -5.13 9.28
N LEU A 123 33.79 -6.20 10.00
CA LEU A 123 32.67 -7.06 9.65
C LEU A 123 31.40 -6.54 10.34
N ILE A 124 30.61 -5.76 9.60
CA ILE A 124 29.37 -5.22 10.17
C ILE A 124 28.33 -6.31 10.36
N THR A 125 28.14 -7.15 9.35
CA THR A 125 27.03 -8.09 9.33
C THR A 125 27.53 -9.48 9.01
N LEU A 126 26.93 -10.47 9.66
CA LEU A 126 27.30 -11.87 9.45
C LEU A 126 26.02 -12.69 9.46
N ASP A 127 25.77 -13.42 8.39
CA ASP A 127 24.55 -14.20 8.24
C ASP A 127 24.85 -15.67 8.14
N LEU A 128 24.18 -16.47 8.97
CA LEU A 128 24.16 -17.92 8.86
C LEU A 128 22.69 -18.32 9.02
N SER A 129 21.97 -18.39 7.91
CA SER A 129 20.51 -18.49 7.96
C SER A 129 20.02 -19.93 8.01
N HIS A 130 20.36 -20.74 7.01
CA HIS A 130 19.79 -22.08 6.89
C HIS A 130 20.87 -23.15 6.89
N ASN A 131 21.85 -23.02 7.79
CA ASN A 131 23.01 -23.90 7.77
C ASN A 131 22.78 -25.17 8.58
N GLY A 132 22.49 -25.04 9.87
CA GLY A 132 22.34 -26.19 10.73
C GLY A 132 23.29 -26.16 11.91
N LEU A 133 23.71 -24.96 12.29
CA LEU A 133 24.59 -24.80 13.44
C LEU A 133 23.85 -25.14 14.73
N SER A 134 24.59 -25.69 15.69
CA SER A 134 24.02 -26.08 16.97
C SER A 134 24.75 -25.42 18.14
N SER A 135 25.32 -24.23 17.91
CA SER A 135 26.08 -23.54 18.94
C SER A 135 26.32 -22.10 18.46
N THR A 136 27.02 -21.33 19.30
CA THR A 136 27.47 -19.99 18.93
C THR A 136 28.97 -19.82 19.18
N LYS A 137 29.73 -20.90 19.20
CA LYS A 137 31.17 -20.84 19.45
C LYS A 137 31.89 -20.53 18.13
N LEU A 138 31.82 -19.27 17.74
CA LEU A 138 32.45 -18.82 16.50
C LEU A 138 33.93 -18.52 16.67
N GLY A 139 34.46 -18.62 17.88
CA GLY A 139 35.86 -18.34 18.11
C GLY A 139 36.32 -18.88 19.44
N THR A 140 37.50 -18.44 19.86
CA THR A 140 38.07 -18.89 21.12
C THR A 140 38.54 -17.72 21.96
N GLN A 141 38.82 -16.59 21.33
CA GLN A 141 39.30 -15.39 22.01
C GLN A 141 38.39 -14.21 21.68
N VAL A 142 38.73 -13.05 22.23
CA VAL A 142 37.94 -11.84 21.99
C VAL A 142 37.99 -11.49 20.51
N GLN A 143 36.82 -11.28 19.92
CA GLN A 143 36.71 -11.04 18.49
C GLN A 143 35.37 -10.40 18.21
N LEU A 144 35.10 -10.11 16.93
CA LEU A 144 33.84 -9.55 16.47
C LEU A 144 33.54 -8.22 17.17
N GLU A 145 34.58 -7.45 17.48
CA GLU A 145 34.44 -6.21 18.22
C GLU A 145 33.71 -5.13 17.43
N ASN A 146 33.50 -5.32 16.13
CA ASN A 146 32.82 -4.32 15.31
C ASN A 146 31.60 -4.90 14.59
N LEU A 147 31.08 -6.03 15.03
CA LEU A 147 29.90 -6.62 14.42
C LEU A 147 28.65 -5.98 14.99
N GLN A 148 27.64 -5.78 14.14
CA GLN A 148 26.41 -5.10 14.49
C GLN A 148 25.17 -6.00 14.39
N GLU A 149 25.05 -6.74 13.30
CA GLU A 149 23.81 -7.45 12.97
C GLU A 149 24.13 -8.91 12.69
N LEU A 150 24.11 -9.74 13.75
CA LEU A 150 24.34 -11.16 13.58
C LEU A 150 23.01 -11.87 13.33
N LEU A 151 23.03 -12.85 12.41
CA LEU A 151 21.82 -13.53 11.98
C LEU A 151 22.00 -15.04 12.10
N LEU A 152 21.47 -15.62 13.17
CA LEU A 152 21.28 -17.07 13.26
C LEU A 152 19.80 -17.33 12.98
N SER A 153 19.44 -17.26 11.69
CA SER A 153 18.04 -17.15 11.31
C SER A 153 17.27 -18.45 11.52
N ASN A 154 17.86 -19.59 11.14
CA ASN A 154 17.14 -20.86 11.22
C ASN A 154 18.17 -21.98 11.40
N ASN A 155 18.39 -22.38 12.64
CA ASN A 155 19.39 -23.38 12.94
C ASN A 155 18.83 -24.48 13.84
N LYS A 156 19.70 -25.39 14.30
CA LYS A 156 19.29 -26.47 15.20
C LYS A 156 19.76 -26.23 16.62
N ILE A 157 19.79 -24.96 17.03
CA ILE A 157 20.26 -24.63 18.38
C ILE A 157 19.30 -25.21 19.42
N GLN A 158 19.84 -25.51 20.61
CA GLN A 158 19.06 -26.09 21.69
C GLN A 158 19.03 -25.26 22.95
N ALA A 159 20.03 -24.43 23.21
CA ALA A 159 20.08 -23.67 24.45
C ALA A 159 21.03 -22.49 24.26
N LEU A 160 21.33 -21.80 25.35
CA LEU A 160 22.28 -20.70 25.36
C LEU A 160 23.14 -20.81 26.61
N LYS A 161 24.44 -20.55 26.46
CA LYS A 161 25.40 -20.69 27.55
C LYS A 161 26.27 -19.44 27.63
N SER A 162 26.80 -19.20 28.83
CA SER A 162 27.62 -18.02 29.05
C SER A 162 28.99 -18.16 28.42
N GLU A 163 29.59 -19.36 28.49
CA GLU A 163 30.95 -19.55 28.00
C GLU A 163 31.02 -19.39 26.48
N GLU A 164 29.99 -19.85 25.76
CA GLU A 164 30.02 -19.80 24.30
C GLU A 164 29.98 -18.39 23.74
N LEU A 165 29.56 -17.41 24.54
CA LEU A 165 29.47 -16.03 24.09
C LEU A 165 30.64 -15.18 24.58
N ASP A 166 31.64 -15.80 25.23
CA ASP A 166 32.78 -15.04 25.73
C ASP A 166 33.50 -14.30 24.61
N ILE A 167 33.39 -14.81 23.38
CA ILE A 167 33.92 -14.10 22.22
C ILE A 167 33.24 -12.75 22.05
N PHE A 168 32.01 -12.61 22.55
CA PHE A 168 31.26 -11.37 22.45
C PHE A 168 31.42 -10.50 23.68
N ALA A 169 32.58 -10.55 24.34
CA ALA A 169 32.76 -9.80 25.58
C ALA A 169 32.65 -8.30 25.35
N ASN A 170 33.05 -7.81 24.18
CA ASN A 170 33.00 -6.38 23.89
C ASN A 170 32.47 -6.14 22.48
N SER A 171 31.42 -6.86 22.10
CA SER A 171 30.79 -6.71 20.80
C SER A 171 29.45 -6.00 20.98
N SER A 172 29.22 -4.96 20.18
CA SER A 172 27.98 -4.20 20.23
C SER A 172 26.97 -4.79 19.26
N LEU A 173 26.19 -5.76 19.73
CA LEU A 173 25.17 -6.40 18.92
C LEU A 173 23.92 -5.53 18.86
N LYS A 174 23.42 -5.29 17.65
CA LYS A 174 22.24 -4.46 17.48
C LYS A 174 20.96 -5.27 17.41
N LYS A 175 20.90 -6.26 16.52
CA LYS A 175 19.68 -7.01 16.28
C LYS A 175 20.05 -8.47 16.05
N LEU A 176 19.82 -9.29 17.07
CA LEU A 176 20.30 -10.68 17.12
C LEU A 176 19.16 -11.62 16.77
N GLU A 177 19.29 -12.32 15.65
CA GLU A 177 18.32 -13.32 15.24
C GLU A 177 18.58 -14.63 15.98
N LEU A 178 17.62 -15.06 16.78
CA LEU A 178 17.51 -16.42 17.28
C LEU A 178 16.11 -16.95 17.03
N SER A 179 15.63 -16.78 15.81
CA SER A 179 14.30 -17.19 15.43
C SER A 179 14.32 -18.59 14.81
N SER A 180 13.14 -19.21 14.73
CA SER A 180 12.93 -20.47 14.02
C SER A 180 13.93 -21.54 14.46
N ASN A 181 14.19 -21.62 15.75
CA ASN A 181 15.14 -22.57 16.30
C ASN A 181 14.65 -23.01 17.67
N GLN A 182 14.24 -24.26 17.79
CA GLN A 182 13.61 -24.74 19.02
C GLN A 182 14.61 -24.72 20.16
N ILE A 183 14.45 -23.78 21.08
CA ILE A 183 15.28 -23.68 22.27
C ILE A 183 14.49 -24.24 23.45
N LYS A 184 15.10 -25.16 24.19
CA LYS A 184 14.45 -25.81 25.31
C LYS A 184 15.25 -25.64 26.61
N GLU A 185 16.16 -24.68 26.66
CA GLU A 185 16.96 -24.48 27.86
C GLU A 185 17.64 -23.11 27.79
N PHE A 186 17.85 -22.52 28.96
CA PHE A 186 18.60 -21.27 29.09
C PHE A 186 19.41 -21.36 30.38
N SER A 187 20.70 -21.69 30.25
CA SER A 187 21.55 -21.82 31.41
C SER A 187 21.73 -20.46 32.10
N PRO A 188 21.95 -20.46 33.42
CA PRO A 188 21.99 -19.18 34.17
C PRO A 188 23.03 -18.20 33.65
N GLY A 189 22.56 -17.11 33.06
CA GLY A 189 23.42 -16.03 32.63
C GLY A 189 23.87 -16.18 31.19
N CYS A 190 23.33 -15.38 30.30
CA CYS A 190 23.80 -15.40 28.92
C CYS A 190 24.10 -14.03 28.35
N PHE A 191 23.33 -13.00 28.71
CA PHE A 191 23.36 -11.74 27.99
C PHE A 191 24.05 -10.61 28.74
N HIS A 192 24.27 -10.73 30.04
CA HIS A 192 25.08 -9.73 30.73
C HIS A 192 26.55 -9.89 30.41
N ALA A 193 26.98 -11.06 29.94
CA ALA A 193 28.33 -11.23 29.44
C ALA A 193 28.56 -10.37 28.20
N ILE A 194 27.59 -10.38 27.27
CA ILE A 194 27.68 -9.57 26.07
C ILE A 194 27.58 -8.10 26.44
N GLY A 195 28.49 -7.29 25.91
CA GLY A 195 28.60 -5.92 26.36
C GLY A 195 27.37 -5.08 26.02
N ARG A 196 26.89 -5.16 24.79
CA ARG A 196 25.87 -4.23 24.30
C ARG A 196 24.81 -4.96 23.49
N LEU A 197 24.31 -6.09 24.00
CA LEU A 197 23.22 -6.79 23.33
C LEU A 197 21.95 -5.95 23.40
N PHE A 198 21.53 -5.39 22.27
CA PHE A 198 20.41 -4.47 22.21
C PHE A 198 19.10 -5.17 21.81
N GLY A 199 19.08 -5.83 20.66
CA GLY A 199 17.89 -6.48 20.17
C GLY A 199 17.85 -7.97 20.51
N LEU A 200 16.74 -8.60 20.09
CA LEU A 200 16.51 -10.00 20.35
C LEU A 200 15.33 -10.51 19.53
N PHE A 201 15.48 -11.68 18.92
CA PHE A 201 14.44 -12.26 18.07
C PHE A 201 14.18 -13.69 18.50
N LEU A 202 12.94 -13.98 18.89
CA LEU A 202 12.51 -15.34 19.24
C LEU A 202 11.17 -15.66 18.58
N ASN A 203 11.07 -15.42 17.29
CA ASN A 203 9.86 -15.74 16.55
C ASN A 203 9.87 -17.20 16.13
N ASN A 204 8.66 -17.77 16.04
CA ASN A 204 8.46 -19.16 15.58
C ASN A 204 9.21 -20.16 16.44
N VAL A 205 9.38 -19.86 17.73
CA VAL A 205 9.96 -20.79 18.69
C VAL A 205 8.96 -21.01 19.81
N GLN A 206 8.76 -22.28 20.17
CA GLN A 206 7.75 -22.65 21.15
C GLN A 206 8.39 -22.59 22.53
N LEU A 207 8.14 -21.49 23.25
CA LEU A 207 8.64 -21.35 24.61
C LEU A 207 7.62 -21.80 25.64
N GLY A 208 6.47 -21.13 25.69
CA GLY A 208 5.41 -21.48 26.60
C GLY A 208 5.76 -21.25 28.06
N PRO A 209 4.84 -21.61 28.94
CA PRO A 209 5.11 -21.48 30.38
C PRO A 209 6.20 -22.44 30.82
N SER A 210 6.78 -22.14 31.99
CA SER A 210 7.92 -22.81 32.60
C SER A 210 9.21 -22.56 31.81
N LEU A 211 9.14 -21.85 30.69
CA LEU A 211 10.30 -21.41 29.94
C LEU A 211 10.32 -19.90 29.75
N THR A 212 9.17 -19.29 29.46
CA THR A 212 9.11 -17.84 29.28
C THR A 212 9.48 -17.10 30.58
N GLU A 213 9.00 -17.60 31.71
CA GLU A 213 9.32 -16.95 32.98
C GLU A 213 10.81 -17.03 33.28
N LYS A 214 11.41 -18.21 33.07
CA LYS A 214 12.85 -18.33 33.28
C LYS A 214 13.63 -17.47 32.31
N LEU A 215 13.17 -17.35 31.06
CA LEU A 215 13.83 -16.47 30.10
C LEU A 215 13.78 -15.01 30.55
N CYS A 216 12.60 -14.54 30.97
CA CYS A 216 12.48 -13.14 31.36
C CYS A 216 13.26 -12.85 32.63
N LEU A 217 13.37 -13.84 33.53
CA LEU A 217 14.27 -13.67 34.66
C LEU A 217 15.73 -13.67 34.23
N GLU A 218 16.05 -14.43 33.18
CA GLU A 218 17.43 -14.49 32.70
C GLU A 218 17.85 -13.17 32.06
N LEU A 219 16.92 -12.49 31.40
CA LEU A 219 17.22 -11.22 30.73
C LEU A 219 17.51 -10.09 31.71
N ALA A 220 17.55 -10.36 33.01
CA ALA A 220 17.56 -9.30 34.01
C ALA A 220 18.82 -8.46 33.92
N ASN A 221 18.66 -7.16 34.17
CA ASN A 221 19.78 -6.21 34.24
C ASN A 221 20.58 -6.20 32.94
N THR A 222 19.88 -6.25 31.81
CA THR A 222 20.50 -6.20 30.49
C THR A 222 20.01 -4.98 29.74
N SER A 223 20.80 -4.56 28.76
CA SER A 223 20.48 -3.38 27.95
C SER A 223 19.76 -3.79 26.66
N ILE A 224 18.64 -4.48 26.85
CA ILE A 224 17.80 -4.94 25.75
C ILE A 224 16.63 -3.99 25.59
N ARG A 225 16.39 -3.56 24.36
CA ARG A 225 15.35 -2.57 24.04
C ARG A 225 14.18 -3.17 23.27
N ASN A 226 14.45 -3.92 22.22
CA ASN A 226 13.41 -4.59 21.45
C ASN A 226 13.28 -6.04 21.91
N LEU A 227 12.21 -6.68 21.45
CA LEU A 227 11.91 -8.06 21.82
C LEU A 227 11.04 -8.65 20.73
N SER A 228 10.95 -9.98 20.73
CA SER A 228 10.18 -10.66 19.68
C SER A 228 9.76 -12.02 20.18
N LEU A 229 8.44 -12.24 20.29
CA LEU A 229 7.90 -13.52 20.78
C LEU A 229 6.70 -13.96 19.93
N SER A 230 6.77 -13.73 18.62
CA SER A 230 5.68 -14.13 17.75
C SER A 230 5.58 -15.65 17.67
N ASN A 231 4.34 -16.13 17.54
CA ASN A 231 4.03 -17.54 17.29
C ASN A 231 4.50 -18.45 18.41
N SER A 232 5.04 -17.87 19.49
CA SER A 232 5.39 -18.65 20.66
C SER A 232 4.12 -19.01 21.41
N GLN A 233 3.88 -20.31 21.60
CA GLN A 233 2.62 -20.74 22.19
C GLN A 233 2.45 -20.15 23.58
N LEU A 234 1.53 -19.18 23.70
CA LEU A 234 1.29 -18.47 24.96
C LEU A 234 -0.23 -18.32 25.07
N SER A 235 -0.87 -19.31 25.68
CA SER A 235 -2.33 -19.34 25.75
C SER A 235 -2.89 -18.38 26.79
N THR A 236 -2.11 -18.06 27.82
CA THR A 236 -2.60 -17.24 28.92
C THR A 236 -1.54 -16.21 29.28
N THR A 237 -1.86 -15.39 30.29
CA THR A 237 -0.91 -14.47 30.89
C THR A 237 -1.20 -14.39 32.38
N SER A 238 -0.14 -14.30 33.17
CA SER A 238 -0.25 -14.16 34.62
C SER A 238 0.78 -13.14 35.08
N ASN A 239 0.67 -12.73 36.35
CA ASN A 239 1.58 -11.74 36.88
C ASN A 239 2.98 -12.29 37.15
N THR A 240 3.20 -13.58 36.90
CA THR A 240 4.53 -14.17 37.05
C THR A 240 5.30 -14.23 35.75
N THR A 241 4.64 -14.15 34.60
CA THR A 241 5.32 -14.08 33.32
C THR A 241 5.70 -12.64 33.02
N PHE A 242 6.87 -12.48 32.38
CA PHE A 242 7.48 -11.16 32.15
C PHE A 242 7.74 -10.43 33.47
N LEU A 243 7.88 -11.19 34.56
CA LEU A 243 8.24 -10.59 35.84
C LEU A 243 9.68 -10.10 35.82
N GLY A 244 10.60 -10.92 35.32
CA GLY A 244 11.98 -10.53 35.20
C GLY A 244 12.22 -9.38 34.22
N LEU A 245 11.24 -9.08 33.38
CA LEU A 245 11.34 -7.95 32.46
C LEU A 245 10.93 -6.64 33.12
N LYS A 246 10.91 -6.57 34.45
CA LYS A 246 10.67 -5.29 35.11
C LYS A 246 11.92 -4.43 35.16
N TRP A 247 13.10 -5.04 35.15
CA TRP A 247 14.36 -4.32 35.20
C TRP A 247 14.88 -3.93 33.83
N THR A 248 14.29 -4.43 32.76
CA THR A 248 14.73 -4.10 31.41
C THR A 248 14.10 -2.77 30.98
N ASN A 249 14.87 -1.97 30.26
CA ASN A 249 14.32 -0.80 29.59
C ASN A 249 13.88 -1.19 28.18
N LEU A 250 12.76 -1.90 28.08
CA LEU A 250 12.29 -2.48 26.83
C LEU A 250 11.31 -1.53 26.16
N THR A 251 11.55 -1.23 24.89
CA THR A 251 10.77 -0.26 24.15
C THR A 251 9.91 -0.88 23.05
N MET A 252 9.86 -2.20 22.95
CA MET A 252 9.06 -2.86 21.92
C MET A 252 8.74 -4.27 22.38
N LEU A 253 7.66 -4.81 21.84
CA LEU A 253 7.18 -6.15 22.19
C LEU A 253 6.58 -6.77 20.93
N ASP A 254 6.38 -8.08 20.98
CA ASP A 254 5.74 -8.77 19.86
C ASP A 254 5.14 -10.06 20.37
N LEU A 255 3.80 -10.11 20.46
CA LEU A 255 3.06 -11.26 20.98
C LEU A 255 1.89 -11.60 20.05
N SER A 256 2.15 -11.64 18.75
CA SER A 256 1.11 -11.87 17.75
C SER A 256 1.16 -13.30 17.23
N TYR A 257 0.01 -13.74 16.69
CA TYR A 257 -0.19 -15.08 16.16
C TYR A 257 0.11 -16.17 17.18
N ASN A 258 0.19 -15.80 18.46
CA ASN A 258 0.44 -16.75 19.52
C ASN A 258 -0.83 -17.25 20.19
N ASN A 259 -2.00 -16.78 19.74
CA ASN A 259 -3.29 -17.25 20.22
C ASN A 259 -3.42 -17.05 21.74
N LEU A 260 -3.40 -15.78 22.14
CA LEU A 260 -3.63 -15.44 23.54
C LEU A 260 -5.13 -15.62 23.83
N ASN A 261 -5.48 -16.80 24.37
CA ASN A 261 -6.88 -17.14 24.54
C ASN A 261 -7.57 -16.26 25.59
N VAL A 262 -6.95 -16.12 26.75
CA VAL A 262 -7.50 -15.30 27.83
C VAL A 262 -6.39 -14.47 28.45
N VAL A 263 -6.79 -13.39 29.11
CA VAL A 263 -5.90 -12.54 29.89
C VAL A 263 -6.39 -12.61 31.34
N GLY A 264 -5.57 -13.16 32.22
CA GLY A 264 -5.98 -13.42 33.59
C GLY A 264 -6.23 -12.17 34.43
N ASN A 265 -5.15 -11.45 34.75
CA ASN A 265 -5.25 -10.29 35.62
C ASN A 265 -4.05 -9.37 35.41
N ASP A 266 -3.83 -8.49 36.40
CA ASP A 266 -2.76 -7.47 36.30
C ASP A 266 -1.51 -8.06 35.66
N SER A 267 -1.43 -7.99 34.33
CA SER A 267 -0.21 -8.44 33.62
C SER A 267 0.40 -7.21 32.96
N PHE A 268 1.61 -7.33 32.44
CA PHE A 268 2.24 -6.20 31.71
C PHE A 268 2.49 -5.01 32.65
N ALA A 269 1.87 -4.97 33.84
CA ALA A 269 2.20 -3.83 34.69
C ALA A 269 3.69 -3.76 34.99
N TRP A 270 4.45 -4.77 34.58
CA TRP A 270 5.90 -4.81 34.74
C TRP A 270 6.62 -4.23 33.53
N LEU A 271 5.90 -3.61 32.60
CA LEU A 271 6.48 -3.05 31.39
C LEU A 271 6.08 -1.58 31.24
N PRO A 272 6.55 -0.71 32.14
CA PRO A 272 6.16 0.71 32.06
C PRO A 272 6.84 1.46 30.92
N GLN A 273 7.76 0.83 30.19
CA GLN A 273 8.51 1.50 29.14
C GLN A 273 8.16 0.97 27.75
N LEU A 274 7.13 0.16 27.62
CA LEU A 274 6.76 -0.42 26.34
C LEU A 274 6.11 0.63 25.45
N GLU A 275 6.70 0.85 24.27
CA GLU A 275 6.22 1.86 23.35
C GLU A 275 5.43 1.29 22.18
N TYR A 276 5.67 0.04 21.81
CA TYR A 276 4.91 -0.63 20.77
C TYR A 276 4.35 -1.94 21.29
N PHE A 277 3.30 -2.41 20.64
CA PHE A 277 2.50 -3.52 21.17
C PHE A 277 1.88 -4.26 20.01
N PHE A 278 2.15 -5.57 19.90
CA PHE A 278 1.66 -6.38 18.79
C PHE A 278 0.95 -7.61 19.34
N LEU A 279 -0.39 -7.56 19.40
CA LEU A 279 -1.22 -8.68 19.81
C LEU A 279 -2.25 -9.06 18.75
N GLU A 280 -1.93 -8.80 17.49
CA GLU A 280 -2.81 -9.13 16.38
C GLU A 280 -2.91 -10.65 16.20
N TYR A 281 -4.04 -11.08 15.65
CA TYR A 281 -4.29 -12.49 15.30
C TYR A 281 -4.22 -13.38 16.54
N ASN A 282 -5.09 -13.09 17.49
CA ASN A 282 -5.23 -13.87 18.70
C ASN A 282 -6.62 -14.48 18.77
N ASN A 283 -6.74 -15.59 19.49
CA ASN A 283 -8.05 -16.19 19.75
C ASN A 283 -8.57 -15.77 21.13
N ILE A 284 -8.65 -14.47 21.35
CA ILE A 284 -9.08 -13.97 22.65
C ILE A 284 -10.60 -14.00 22.71
N GLN A 285 -11.14 -14.31 23.89
CA GLN A 285 -12.57 -14.46 24.07
C GLN A 285 -13.15 -13.56 25.15
N HIS A 286 -12.31 -12.91 25.96
CA HIS A 286 -12.78 -12.05 27.02
C HIS A 286 -11.77 -10.92 27.21
N LEU A 287 -12.19 -9.88 27.92
CA LEU A 287 -11.29 -8.76 28.20
C LEU A 287 -11.72 -8.13 29.53
N PHE A 288 -11.02 -8.48 30.60
CA PHE A 288 -11.29 -7.91 31.91
C PHE A 288 -10.79 -6.47 31.97
N SER A 289 -11.33 -5.71 32.92
CA SER A 289 -10.87 -4.34 33.11
C SER A 289 -9.41 -4.30 33.55
N HIS A 290 -9.04 -5.19 34.46
CA HIS A 290 -7.67 -5.27 34.96
C HIS A 290 -6.75 -6.09 34.05
N SER A 291 -7.14 -6.27 32.78
CA SER A 291 -6.30 -7.04 31.86
C SER A 291 -5.07 -6.25 31.43
N LEU A 292 -5.24 -4.97 31.13
CA LEU A 292 -4.20 -4.15 30.50
C LEU A 292 -3.56 -3.18 31.48
N HIS A 293 -3.32 -3.63 32.71
CA HIS A 293 -2.81 -2.75 33.76
C HIS A 293 -1.39 -2.28 33.43
N GLY A 294 -1.16 -0.99 33.64
CA GLY A 294 0.18 -0.43 33.60
C GLY A 294 0.73 -0.11 32.23
N LEU A 295 -0.01 -0.37 31.15
CA LEU A 295 0.49 -0.09 29.81
C LEU A 295 0.24 1.36 29.43
N PHE A 296 0.71 2.29 30.25
CA PHE A 296 0.46 3.71 30.05
C PHE A 296 1.49 4.38 29.15
N ASN A 297 2.43 3.62 28.59
CA ASN A 297 3.42 4.16 27.66
C ASN A 297 3.27 3.60 26.25
N VAL A 298 2.27 2.75 26.00
CA VAL A 298 2.10 2.16 24.68
C VAL A 298 1.56 3.21 23.73
N ARG A 299 2.18 3.32 22.54
CA ARG A 299 1.76 4.28 21.53
C ARG A 299 1.11 3.64 20.31
N TYR A 300 1.31 2.33 20.09
CA TYR A 300 0.69 1.62 18.99
C TYR A 300 0.09 0.33 19.49
N LEU A 301 -1.10 0.01 18.99
CA LEU A 301 -1.84 -1.18 19.38
C LEU A 301 -2.30 -1.90 18.12
N ASN A 302 -2.17 -3.23 18.11
CA ASN A 302 -2.53 -4.01 16.93
C ASN A 302 -3.39 -5.19 17.38
N LEU A 303 -4.72 -5.04 17.24
CA LEU A 303 -5.72 -6.02 17.65
C LEU A 303 -6.64 -6.36 16.50
N LYS A 304 -6.08 -6.60 15.32
CA LYS A 304 -6.90 -6.70 14.10
C LYS A 304 -7.89 -7.85 14.19
N ARG A 305 -7.45 -9.01 14.67
CA ARG A 305 -8.33 -10.18 14.73
C ARG A 305 -8.19 -10.89 16.08
N SER A 306 -7.88 -10.15 17.14
CA SER A 306 -7.76 -10.76 18.46
C SER A 306 -9.11 -11.25 18.95
N PHE A 307 -10.14 -10.41 18.89
CA PHE A 307 -11.47 -10.77 19.36
C PHE A 307 -12.12 -11.67 18.31
N THR A 308 -12.28 -12.94 18.64
CA THR A 308 -12.71 -13.95 17.69
C THR A 308 -14.23 -14.06 17.66
N LYS A 309 -14.75 -14.52 16.52
CA LYS A 309 -16.18 -14.75 16.35
C LYS A 309 -16.69 -15.81 17.32
N LEU A 317 -20.01 -15.02 22.34
CA LEU A 317 -19.65 -13.66 21.98
C LEU A 317 -18.73 -13.04 23.02
N PRO A 318 -17.75 -12.26 22.56
CA PRO A 318 -16.85 -11.58 23.50
C PRO A 318 -17.60 -10.55 24.32
N LYS A 319 -17.15 -10.36 25.56
CA LYS A 319 -17.73 -9.37 26.47
C LYS A 319 -16.61 -8.46 26.94
N ILE A 320 -16.34 -7.42 26.17
CA ILE A 320 -15.35 -6.42 26.57
C ILE A 320 -15.89 -5.68 27.79
N ASP A 321 -15.23 -5.84 28.93
CA ASP A 321 -15.76 -5.35 30.18
C ASP A 321 -15.72 -3.83 30.23
N ASP A 322 -16.42 -3.27 31.21
CA ASP A 322 -16.49 -1.83 31.37
C ASP A 322 -15.14 -1.26 31.78
N PHE A 323 -14.76 -0.14 31.17
CA PHE A 323 -13.54 0.59 31.51
C PHE A 323 -12.29 -0.29 31.45
N SER A 324 -12.18 -1.08 30.38
CA SER A 324 -10.99 -1.86 30.13
C SER A 324 -9.98 -1.16 29.25
N PHE A 325 -10.28 0.08 28.84
CA PHE A 325 -9.38 0.87 28.01
C PHE A 325 -8.91 2.15 28.71
N GLN A 326 -9.41 2.44 29.90
CA GLN A 326 -9.07 3.70 30.56
C GLN A 326 -7.60 3.82 30.89
N TRP A 327 -6.90 2.70 31.05
CA TRP A 327 -5.49 2.73 31.43
C TRP A 327 -4.56 3.12 30.29
N LEU A 328 -4.93 2.82 29.04
CA LEU A 328 -4.07 3.07 27.89
C LEU A 328 -4.12 4.56 27.54
N LYS A 329 -3.62 5.37 28.47
CA LYS A 329 -3.76 6.82 28.38
C LYS A 329 -2.94 7.42 27.25
N CYS A 330 -1.97 6.68 26.71
CA CYS A 330 -1.07 7.19 25.68
C CYS A 330 -1.23 6.49 24.34
N LEU A 331 -2.38 5.88 24.07
CA LEU A 331 -2.59 5.17 22.81
C LEU A 331 -2.91 6.16 21.70
N GLU A 332 -2.28 5.95 20.55
CA GLU A 332 -2.45 6.81 19.38
C GLU A 332 -3.03 6.09 18.17
N HIS A 333 -2.73 4.81 18.00
CA HIS A 333 -3.18 4.06 16.82
C HIS A 333 -3.91 2.81 17.30
N LEU A 334 -5.19 2.71 16.97
CA LEU A 334 -6.04 1.59 17.35
C LEU A 334 -6.29 0.73 16.12
N ASN A 335 -6.30 -0.58 16.32
CA ASN A 335 -6.42 -1.52 15.20
C ASN A 335 -7.48 -2.58 15.51
N MET A 336 -8.66 -2.15 15.96
CA MET A 336 -9.78 -3.05 16.20
C MET A 336 -10.59 -3.22 14.91
N GLU A 337 -10.01 -3.95 13.96
CA GLU A 337 -10.57 -4.00 12.60
C GLU A 337 -11.51 -5.17 12.41
N ASP A 338 -10.99 -6.40 12.47
CA ASP A 338 -11.74 -7.58 12.07
C ASP A 338 -12.01 -8.42 13.31
N ASN A 339 -13.10 -8.10 14.00
CA ASN A 339 -13.49 -8.81 15.21
C ASN A 339 -15.00 -8.99 15.19
N ASP A 340 -15.49 -9.84 16.09
CA ASP A 340 -16.93 -9.94 16.35
C ASP A 340 -17.30 -9.19 17.63
N ILE A 341 -17.07 -7.88 17.64
CA ILE A 341 -17.42 -7.11 18.83
C ILE A 341 -18.92 -6.82 18.81
N PRO A 342 -19.67 -7.31 19.80
CA PRO A 342 -21.14 -7.13 19.83
C PRO A 342 -21.58 -5.78 20.39
N GLY A 343 -21.58 -4.77 19.53
CA GLY A 343 -22.11 -3.48 19.87
C GLY A 343 -21.17 -2.67 20.76
N ILE A 344 -21.50 -1.40 20.90
CA ILE A 344 -20.75 -0.46 21.71
C ILE A 344 -21.55 -0.18 22.98
N LYS A 345 -20.97 -0.49 24.14
CA LYS A 345 -21.59 -0.14 25.40
C LYS A 345 -21.29 1.32 25.75
N SER A 346 -22.10 1.86 26.66
CA SER A 346 -22.01 3.27 26.98
C SER A 346 -20.71 3.64 27.69
N ASN A 347 -20.00 2.66 28.24
CA ASN A 347 -18.76 2.87 28.98
C ASN A 347 -17.66 2.00 28.41
N MET A 348 -17.46 2.08 27.09
CA MET A 348 -16.54 1.21 26.39
C MET A 348 -15.19 1.87 26.12
N PHE A 349 -15.19 2.93 25.32
CA PHE A 349 -13.96 3.63 24.95
C PHE A 349 -13.80 4.93 25.76
N THR A 350 -13.62 4.78 27.07
CA THR A 350 -13.55 5.92 27.97
C THR A 350 -12.10 6.18 28.37
N GLY A 351 -11.64 7.40 28.15
CA GLY A 351 -10.34 7.86 28.63
C GLY A 351 -9.24 7.90 27.59
N LEU A 352 -9.46 7.36 26.40
CA LEU A 352 -8.43 7.31 25.37
C LEU A 352 -8.33 8.68 24.67
N ILE A 353 -7.84 9.66 25.41
CA ILE A 353 -7.84 11.04 24.95
C ILE A 353 -6.64 11.32 24.06
N ASN A 354 -5.80 10.31 23.86
CA ASN A 354 -4.68 10.41 22.92
C ASN A 354 -4.95 9.71 21.60
N LEU A 355 -6.17 9.23 21.40
CA LEU A 355 -6.48 8.45 20.21
C LEU A 355 -6.53 9.34 18.97
N LYS A 356 -6.02 8.81 17.86
CA LYS A 356 -6.02 9.55 16.60
C LYS A 356 -6.42 8.71 15.40
N TYR A 357 -6.68 7.42 15.57
CA TYR A 357 -6.99 6.54 14.43
C TYR A 357 -7.80 5.37 14.98
N LEU A 358 -9.02 5.19 14.49
CA LEU A 358 -9.95 4.23 15.07
C LEU A 358 -9.88 2.86 14.41
N SER A 359 -10.10 2.80 13.11
CA SER A 359 -10.03 1.56 12.32
C SER A 359 -11.04 0.52 12.81
N LEU A 360 -12.32 0.87 12.66
CA LEU A 360 -13.43 -0.07 12.86
C LEU A 360 -13.96 -0.43 11.48
N SER A 361 -13.81 -1.71 11.10
CA SER A 361 -14.26 -2.16 9.79
C SER A 361 -14.38 -3.67 9.82
N ASN A 362 -15.61 -4.19 9.69
CA ASN A 362 -15.92 -5.61 9.88
C ASN A 362 -15.78 -6.03 11.33
N SER A 363 -15.91 -5.08 12.25
CA SER A 363 -15.81 -5.38 13.68
C SER A 363 -17.16 -5.64 14.32
N PHE A 364 -18.19 -4.88 13.95
CA PHE A 364 -19.48 -4.98 14.62
C PHE A 364 -20.38 -5.99 13.93
N THR A 365 -21.04 -6.82 14.72
CA THR A 365 -22.18 -7.61 14.28
C THR A 365 -23.50 -7.09 14.83
N SER A 366 -23.48 -5.91 15.46
CA SER A 366 -24.66 -5.31 16.04
C SER A 366 -24.95 -3.91 15.53
N LEU A 367 -23.96 -3.21 14.97
CA LEU A 367 -24.17 -1.83 14.53
C LEU A 367 -24.99 -1.78 13.24
N ARG A 368 -26.25 -2.20 13.33
CA ARG A 368 -27.15 -2.02 12.18
C ARG A 368 -27.56 -0.55 12.04
N THR A 369 -27.84 0.12 13.15
CA THR A 369 -28.20 1.52 13.16
C THR A 369 -27.24 2.29 14.05
N LEU A 370 -27.25 3.62 13.90
CA LEU A 370 -26.44 4.51 14.73
C LEU A 370 -27.36 5.51 15.42
N THR A 371 -27.67 5.24 16.69
CA THR A 371 -28.47 6.12 17.52
C THR A 371 -27.59 7.21 18.13
N ASN A 372 -28.25 8.17 18.79
CA ASN A 372 -27.52 9.28 19.39
C ASN A 372 -26.64 8.80 20.55
N GLU A 373 -27.14 7.88 21.37
CA GLU A 373 -26.39 7.37 22.51
C GLU A 373 -25.63 6.10 22.15
N THR A 374 -24.81 6.17 21.10
CA THR A 374 -24.01 5.02 20.70
C THR A 374 -22.55 5.41 20.58
N PHE A 375 -22.29 6.66 20.21
CA PHE A 375 -20.92 7.18 20.09
C PHE A 375 -20.54 8.07 21.27
N VAL A 376 -21.26 7.98 22.38
CA VAL A 376 -20.99 8.85 23.52
C VAL A 376 -19.65 8.52 24.17
N SER A 377 -19.18 7.28 24.04
CA SER A 377 -17.94 6.89 24.68
C SER A 377 -16.75 7.69 24.17
N LEU A 378 -16.78 8.10 22.90
CA LEU A 378 -15.66 8.82 22.29
C LEU A 378 -15.79 10.32 22.44
N ALA A 379 -16.68 10.81 23.32
CA ALA A 379 -16.88 12.24 23.44
C ALA A 379 -15.62 12.95 23.94
N HIS A 380 -14.93 12.35 24.91
CA HIS A 380 -13.72 12.93 25.47
C HIS A 380 -12.47 12.57 24.69
N SER A 381 -12.58 11.75 23.66
CA SER A 381 -11.43 11.29 22.89
C SER A 381 -11.38 12.02 21.57
N PRO A 382 -10.31 12.76 21.26
CA PRO A 382 -10.15 13.31 19.92
C PRO A 382 -10.05 12.18 18.90
N LEU A 383 -10.53 12.46 17.70
CA LEU A 383 -10.58 11.45 16.65
C LEU A 383 -10.32 12.10 15.31
N HIS A 384 -9.44 11.52 14.52
CA HIS A 384 -9.12 12.04 13.19
C HIS A 384 -9.63 11.17 12.06
N ILE A 385 -9.55 9.85 12.18
CA ILE A 385 -9.99 8.94 11.13
C ILE A 385 -10.98 7.96 11.73
N LEU A 386 -12.19 7.92 11.16
CA LEU A 386 -13.26 7.01 11.57
C LEU A 386 -13.55 6.09 10.40
N ASN A 387 -12.99 4.88 10.43
CA ASN A 387 -13.11 4.02 9.26
C ASN A 387 -14.55 3.64 8.94
N LEU A 388 -15.17 2.81 9.79
CA LEU A 388 -16.59 2.42 9.67
C LEU A 388 -16.98 2.01 8.25
N THR A 389 -16.43 0.87 7.82
CA THR A 389 -16.81 0.27 6.56
C THR A 389 -17.40 -1.12 6.79
N LYS A 390 -18.38 -1.46 5.95
CA LYS A 390 -18.97 -2.78 5.80
C LYS A 390 -19.20 -3.50 7.13
N ASN A 391 -19.66 -2.78 8.14
CA ASN A 391 -20.16 -3.38 9.37
C ASN A 391 -21.66 -3.62 9.31
N LYS A 392 -22.19 -3.83 8.10
CA LYS A 392 -23.61 -3.98 7.80
C LYS A 392 -24.46 -2.96 8.57
N ILE A 393 -24.16 -1.69 8.28
CA ILE A 393 -24.97 -0.58 8.79
C ILE A 393 -26.23 -0.48 7.94
N SER A 394 -27.38 -0.35 8.61
CA SER A 394 -28.67 -0.31 7.93
C SER A 394 -29.19 1.11 7.71
N LYS A 395 -29.19 1.94 8.74
CA LYS A 395 -29.70 3.30 8.61
C LYS A 395 -29.10 4.17 9.71
N ILE A 396 -28.90 5.45 9.39
CA ILE A 396 -28.33 6.41 10.32
C ILE A 396 -29.45 7.30 10.87
N GLU A 397 -29.59 7.31 12.19
CA GLU A 397 -30.63 8.09 12.84
C GLU A 397 -30.11 9.49 13.16
N SER A 398 -30.85 10.23 13.98
CA SER A 398 -30.55 11.63 14.20
C SER A 398 -29.45 11.81 15.24
N ASP A 399 -28.45 12.61 14.89
CA ASP A 399 -27.41 13.05 15.82
C ASP A 399 -26.63 11.89 16.44
N ALA A 400 -26.12 11.01 15.58
CA ALA A 400 -25.23 9.93 16.02
C ALA A 400 -23.77 10.32 15.92
N PHE A 401 -23.46 11.50 15.38
CA PHE A 401 -22.08 11.96 15.23
C PHE A 401 -21.81 13.23 16.05
N SER A 402 -22.67 13.54 17.02
CA SER A 402 -22.51 14.76 17.78
C SER A 402 -21.22 14.76 18.60
N TRP A 403 -20.86 13.61 19.17
CA TRP A 403 -19.70 13.51 20.03
C TRP A 403 -18.38 13.65 19.29
N LEU A 404 -18.40 13.62 17.95
CA LEU A 404 -17.18 13.65 17.15
C LEU A 404 -17.03 15.06 16.58
N GLY A 405 -15.98 15.77 16.99
CA GLY A 405 -15.79 17.15 16.59
C GLY A 405 -14.50 17.41 15.84
N HIS A 406 -13.47 16.61 16.10
CA HIS A 406 -12.19 16.74 15.42
C HIS A 406 -12.07 15.80 14.23
N LEU A 407 -13.17 15.17 13.82
CA LEU A 407 -13.11 14.12 12.82
C LEU A 407 -12.82 14.71 11.44
N GLU A 408 -12.04 13.97 10.65
CA GLU A 408 -11.65 14.40 9.32
C GLU A 408 -12.14 13.50 8.20
N VAL A 409 -12.25 12.19 8.42
CA VAL A 409 -12.66 11.25 7.38
C VAL A 409 -13.80 10.40 7.90
N LEU A 410 -14.94 10.44 7.20
CA LEU A 410 -16.13 9.65 7.50
C LEU A 410 -16.26 8.63 6.37
N ASP A 411 -15.63 7.48 6.54
CA ASP A 411 -15.43 6.55 5.43
C ASP A 411 -16.52 5.46 5.45
N LEU A 412 -17.75 5.89 5.14
CA LEU A 412 -18.95 5.09 5.39
C LEU A 412 -19.35 4.20 4.22
N GLY A 413 -18.40 3.71 3.43
CA GLY A 413 -18.72 2.91 2.27
C GLY A 413 -18.91 1.44 2.58
N LEU A 414 -19.21 0.70 1.50
CA LEU A 414 -19.56 -0.73 1.56
C LEU A 414 -20.62 -1.04 2.61
N ASN A 415 -21.51 -0.10 2.86
CA ASN A 415 -22.55 -0.26 3.85
C ASN A 415 -23.90 -0.41 3.16
N GLU A 416 -24.93 -0.63 3.97
CA GLU A 416 -26.30 -0.81 3.49
C GLU A 416 -27.17 0.37 3.89
N ILE A 417 -26.62 1.58 3.77
CA ILE A 417 -27.33 2.78 4.17
C ILE A 417 -28.40 3.09 3.13
N GLY A 418 -29.62 2.63 3.38
CA GLY A 418 -30.74 2.98 2.53
C GLY A 418 -31.79 3.76 3.28
N GLN A 419 -31.90 5.05 3.00
CA GLN A 419 -32.86 5.90 3.68
C GLN A 419 -33.04 7.18 2.87
N GLU A 420 -33.71 8.15 3.49
CA GLU A 420 -34.01 9.44 2.88
C GLU A 420 -33.51 10.51 3.83
N LEU A 421 -32.40 11.16 3.47
CA LEU A 421 -31.75 12.07 4.39
C LEU A 421 -32.54 13.36 4.57
N THR A 422 -32.29 14.02 5.70
CA THR A 422 -32.85 15.33 5.99
C THR A 422 -31.81 16.32 6.49
N GLY A 423 -30.64 15.87 6.92
CA GLY A 423 -29.62 16.74 7.49
C GLY A 423 -29.41 16.57 8.97
N GLN A 424 -30.12 15.64 9.62
CA GLN A 424 -30.05 15.47 11.06
C GLN A 424 -29.02 14.43 11.48
N GLU A 425 -28.24 13.90 10.54
CA GLU A 425 -27.26 12.87 10.84
C GLU A 425 -25.83 13.39 10.91
N TRP A 426 -25.56 14.54 10.28
CA TRP A 426 -24.26 15.20 10.37
C TRP A 426 -24.28 16.37 11.35
N ARG A 427 -25.07 16.28 12.41
CA ARG A 427 -25.12 17.36 13.40
C ARG A 427 -23.74 17.50 14.05
N GLY A 428 -23.11 18.65 13.81
CA GLY A 428 -21.73 18.82 14.17
C GLY A 428 -20.84 18.57 12.97
N LEU A 429 -19.73 17.85 13.18
CA LEU A 429 -18.81 17.48 12.10
C LEU A 429 -18.37 18.72 11.32
N GLU A 430 -18.11 19.81 12.05
CA GLU A 430 -17.72 21.06 11.41
C GLU A 430 -16.33 20.98 10.78
N ASN A 431 -15.53 19.99 11.16
CA ASN A 431 -14.19 19.80 10.60
C ASN A 431 -14.12 18.62 9.63
N ILE A 432 -15.26 18.24 9.06
CA ILE A 432 -15.28 17.10 8.14
C ILE A 432 -14.55 17.48 6.86
N PHE A 433 -13.68 16.60 6.38
CA PHE A 433 -12.95 16.80 5.15
C PHE A 433 -13.28 15.78 4.07
N GLU A 434 -13.94 14.68 4.40
CA GLU A 434 -14.18 13.61 3.44
C GLU A 434 -15.30 12.72 3.94
N ILE A 435 -16.25 12.42 3.06
CA ILE A 435 -17.26 11.40 3.33
C ILE A 435 -17.23 10.39 2.20
N TYR A 436 -17.11 9.12 2.56
CA TYR A 436 -17.06 8.02 1.60
C TYR A 436 -18.40 7.31 1.62
N LEU A 437 -19.35 7.83 0.84
CA LEU A 437 -20.71 7.30 0.80
C LEU A 437 -20.93 6.33 -0.35
N SER A 438 -19.88 5.95 -1.07
CA SER A 438 -20.02 5.04 -2.20
C SER A 438 -20.54 3.69 -1.76
N TYR A 439 -21.12 2.96 -2.72
CA TYR A 439 -21.54 1.57 -2.55
C TYR A 439 -22.63 1.44 -1.48
N ASN A 440 -23.73 2.16 -1.70
CA ASN A 440 -24.86 2.16 -0.79
C ASN A 440 -26.12 1.75 -1.53
N LYS A 441 -27.11 1.30 -0.75
CA LYS A 441 -28.35 0.78 -1.35
C LYS A 441 -29.14 1.90 -2.02
N TYR A 442 -29.60 2.88 -1.26
CA TYR A 442 -30.27 4.02 -1.85
C TYR A 442 -30.17 5.22 -0.91
N LEU A 443 -30.28 6.41 -1.49
CA LEU A 443 -30.16 7.65 -0.74
C LEU A 443 -30.98 8.72 -1.48
N GLN A 444 -32.20 8.95 -1.00
CA GLN A 444 -33.03 10.00 -1.55
C GLN A 444 -32.71 11.33 -0.88
N LEU A 445 -32.69 12.40 -1.67
CA LEU A 445 -32.18 13.68 -1.24
C LEU A 445 -33.31 14.65 -0.90
N THR A 446 -32.91 15.79 -0.31
CA THR A 446 -33.75 16.95 -0.13
C THR A 446 -32.91 18.17 -0.47
N ARG A 447 -33.56 19.34 -0.44
CA ARG A 447 -32.83 20.59 -0.66
C ARG A 447 -31.96 20.98 0.53
N ASN A 448 -32.07 20.28 1.66
CA ASN A 448 -31.35 20.66 2.87
C ASN A 448 -30.66 19.46 3.52
N SER A 449 -30.24 18.48 2.71
CA SER A 449 -29.56 17.31 3.26
C SER A 449 -28.12 17.60 3.65
N PHE A 450 -27.45 18.48 2.91
CA PHE A 450 -26.04 18.79 3.16
C PHE A 450 -25.84 20.24 3.61
N ALA A 451 -26.90 20.88 4.12
CA ALA A 451 -26.76 22.26 4.57
C ALA A 451 -25.89 22.37 5.81
N LEU A 452 -25.77 21.30 6.59
CA LEU A 452 -25.00 21.31 7.81
C LEU A 452 -23.53 20.97 7.60
N VAL A 453 -23.10 20.77 6.35
CA VAL A 453 -21.70 20.45 6.09
C VAL A 453 -21.14 21.39 5.01
N PRO A 454 -20.99 22.68 5.29
CA PRO A 454 -20.34 23.58 4.30
C PRO A 454 -18.84 23.38 4.20
N SER A 455 -18.23 22.62 5.11
CA SER A 455 -16.80 22.41 5.11
C SER A 455 -16.38 21.16 4.34
N LEU A 456 -17.32 20.46 3.71
CA LEU A 456 -16.99 19.25 2.98
C LEU A 456 -16.09 19.58 1.78
N GLN A 457 -15.17 18.67 1.50
CA GLN A 457 -14.26 18.81 0.36
C GLN A 457 -14.33 17.67 -0.64
N ARG A 458 -14.98 16.55 -0.30
CA ARG A 458 -14.95 15.36 -1.17
C ARG A 458 -16.26 14.59 -1.01
N LEU A 459 -17.19 14.86 -1.92
CA LEU A 459 -18.49 14.20 -1.92
C LEU A 459 -18.46 13.03 -2.90
N MET A 460 -18.32 11.82 -2.36
CA MET A 460 -18.28 10.61 -3.17
C MET A 460 -19.66 9.98 -3.16
N LEU A 461 -20.29 9.89 -4.33
CA LEU A 461 -21.65 9.39 -4.47
C LEU A 461 -21.76 8.38 -5.61
N ARG A 462 -20.86 7.40 -5.63
CA ARG A 462 -20.89 6.36 -6.65
C ARG A 462 -21.71 5.16 -6.19
N ARG A 463 -22.38 4.54 -7.17
CA ARG A 463 -23.23 3.36 -6.95
C ARG A 463 -24.18 3.61 -5.77
N VAL A 464 -24.82 4.78 -5.79
CA VAL A 464 -25.84 5.15 -4.84
C VAL A 464 -27.03 5.65 -5.65
N ALA A 465 -28.15 4.93 -5.59
CA ALA A 465 -29.29 5.28 -6.43
C ALA A 465 -29.75 6.60 -5.83
N LEU A 466 -29.43 7.69 -6.50
CA LEU A 466 -29.59 9.03 -5.97
C LEU A 466 -30.80 9.63 -6.70
N LYS A 467 -31.91 9.75 -5.98
CA LYS A 467 -33.13 10.34 -6.50
C LYS A 467 -33.27 11.77 -5.99
N ASN A 468 -34.35 12.42 -6.40
CA ASN A 468 -34.67 13.78 -5.95
C ASN A 468 -33.51 14.74 -6.19
N VAL A 469 -32.86 14.60 -7.34
CA VAL A 469 -31.69 15.41 -7.65
C VAL A 469 -32.08 16.71 -8.34
N ASP A 470 -33.14 16.68 -9.15
CA ASP A 470 -33.57 17.86 -9.90
C ASP A 470 -34.78 18.55 -9.31
N SER A 471 -35.63 17.83 -8.56
CA SER A 471 -36.83 18.43 -8.02
C SER A 471 -36.52 19.55 -7.04
N SER A 472 -35.53 19.33 -6.16
CA SER A 472 -35.12 20.36 -5.23
C SER A 472 -34.38 21.47 -5.98
N PRO A 473 -34.31 22.69 -5.41
CA PRO A 473 -33.58 23.77 -6.08
C PRO A 473 -32.16 23.38 -6.44
N SER A 474 -31.35 23.01 -5.44
CA SER A 474 -30.06 22.41 -5.69
C SER A 474 -29.59 21.64 -4.46
N PRO A 475 -29.53 20.31 -4.52
CA PRO A 475 -29.02 19.55 -3.37
C PRO A 475 -27.58 19.88 -3.02
N PHE A 476 -26.79 20.37 -3.96
CA PHE A 476 -25.40 20.73 -3.74
C PHE A 476 -25.18 22.24 -3.66
N GLN A 477 -26.25 23.03 -3.55
CA GLN A 477 -26.10 24.48 -3.43
C GLN A 477 -25.31 24.88 -2.19
N PRO A 478 -25.57 24.35 -0.99
CA PRO A 478 -24.74 24.76 0.17
C PRO A 478 -23.27 24.43 0.01
N LEU A 479 -22.94 23.38 -0.74
CA LEU A 479 -21.53 22.99 -0.90
C LEU A 479 -20.80 24.02 -1.74
N ARG A 480 -19.79 24.66 -1.15
CA ARG A 480 -18.95 25.62 -1.84
C ARG A 480 -17.47 25.29 -1.81
N ASN A 481 -17.02 24.40 -0.90
CA ASN A 481 -15.63 23.98 -0.83
C ASN A 481 -15.45 22.56 -1.35
N LEU A 482 -16.26 22.17 -2.33
CA LEU A 482 -16.20 20.83 -2.90
C LEU A 482 -15.24 20.79 -4.07
N THR A 483 -14.35 19.81 -4.08
CA THR A 483 -13.34 19.66 -5.12
C THR A 483 -13.53 18.41 -5.97
N ILE A 484 -14.05 17.34 -5.39
CA ILE A 484 -14.30 16.09 -6.11
C ILE A 484 -15.78 15.74 -5.92
N LEU A 485 -16.49 15.62 -7.04
CA LEU A 485 -17.91 15.26 -7.05
C LEU A 485 -18.07 14.01 -7.90
N ASP A 486 -17.96 12.85 -7.27
CA ASP A 486 -18.08 11.56 -7.94
C ASP A 486 -19.55 11.19 -8.02
N LEU A 487 -20.12 11.23 -9.23
CA LEU A 487 -21.52 10.91 -9.45
C LEU A 487 -21.61 9.90 -10.60
N SER A 488 -21.66 8.61 -10.27
CA SER A 488 -21.63 7.59 -11.29
C SER A 488 -22.38 6.35 -10.80
N ASN A 489 -22.79 5.52 -11.78
CA ASN A 489 -23.52 4.28 -11.50
C ASN A 489 -24.76 4.54 -10.66
N ASN A 490 -25.52 5.57 -11.02
CA ASN A 490 -26.72 5.95 -10.29
C ASN A 490 -27.98 5.97 -11.16
N ASN A 491 -27.84 5.74 -12.46
CA ASN A 491 -28.98 5.73 -13.39
C ASN A 491 -29.73 7.05 -13.39
N ILE A 492 -29.03 8.14 -13.07
CA ILE A 492 -29.65 9.46 -13.11
C ILE A 492 -30.02 9.80 -14.54
N ALA A 493 -31.25 10.30 -14.75
CA ALA A 493 -31.74 10.54 -16.10
C ALA A 493 -32.53 11.85 -16.23
N ASN A 494 -32.34 12.80 -15.33
CA ASN A 494 -33.05 14.07 -15.41
C ASN A 494 -32.30 15.11 -14.60
N ILE A 495 -31.76 16.12 -15.27
CA ILE A 495 -30.86 17.08 -14.66
C ILE A 495 -31.22 18.48 -15.13
N ASN A 496 -31.14 19.42 -14.21
CA ASN A 496 -31.35 20.83 -14.48
C ASN A 496 -30.07 21.58 -14.15
N ASP A 497 -30.08 22.90 -14.34
CA ASP A 497 -28.92 23.73 -14.04
C ASP A 497 -28.81 23.92 -12.52
N ASP A 498 -28.68 22.79 -11.83
CA ASP A 498 -28.66 22.75 -10.38
C ASP A 498 -27.52 21.93 -9.79
N MET A 499 -26.84 21.09 -10.56
CA MET A 499 -25.70 20.34 -10.08
C MET A 499 -24.64 21.27 -9.52
N LEU A 500 -24.25 22.25 -10.32
CA LEU A 500 -23.05 23.04 -10.09
C LEU A 500 -23.43 24.53 -10.17
N GLU A 501 -23.88 25.08 -9.06
CA GLU A 501 -24.23 26.49 -8.96
C GLU A 501 -23.43 27.09 -7.81
N GLY A 502 -22.43 27.91 -8.17
CA GLY A 502 -21.50 28.44 -7.19
C GLY A 502 -20.35 27.51 -6.86
N LEU A 503 -20.29 26.33 -7.47
CA LEU A 503 -19.20 25.38 -7.26
C LEU A 503 -18.13 25.67 -8.29
N GLU A 504 -17.25 26.60 -7.98
CA GLU A 504 -16.19 27.00 -8.91
C GLU A 504 -14.88 26.30 -8.67
N LYS A 505 -14.66 25.78 -7.45
CA LYS A 505 -13.42 25.09 -7.12
C LYS A 505 -13.54 23.57 -7.28
N LEU A 506 -14.65 23.09 -7.84
CA LEU A 506 -14.75 21.67 -8.17
C LEU A 506 -13.78 21.34 -9.30
N GLU A 507 -13.02 20.26 -9.12
CA GLU A 507 -11.98 19.90 -10.06
C GLU A 507 -12.25 18.63 -10.86
N ILE A 508 -13.06 17.72 -10.34
CA ILE A 508 -13.34 16.44 -10.99
C ILE A 508 -14.83 16.15 -10.88
N LEU A 509 -15.47 15.89 -12.02
CA LEU A 509 -16.93 15.85 -12.14
C LEU A 509 -17.35 14.61 -12.93
N ASP A 510 -16.89 13.44 -12.46
CA ASP A 510 -17.23 12.19 -13.13
C ASP A 510 -18.74 11.97 -13.18
N LEU A 511 -19.26 11.75 -14.39
CA LEU A 511 -20.63 11.29 -14.63
C LEU A 511 -20.55 10.17 -15.66
N GLN A 512 -20.55 8.92 -15.22
CA GLN A 512 -20.08 7.82 -16.04
C GLN A 512 -21.20 6.90 -16.51
N HIS A 513 -21.98 6.33 -15.61
CA HIS A 513 -23.09 5.46 -16.02
C HIS A 513 -24.43 6.15 -15.76
N ASN A 514 -24.72 7.12 -16.62
CA ASN A 514 -25.88 7.98 -16.48
C ASN A 514 -26.70 7.99 -17.76
N ASN A 515 -28.01 8.13 -17.61
CA ASN A 515 -28.93 8.16 -18.75
C ASN A 515 -29.30 9.61 -19.12
N LEU A 516 -28.30 10.36 -19.55
CA LEU A 516 -28.51 11.73 -20.00
C LEU A 516 -28.63 11.83 -21.52
N ALA A 517 -28.68 10.71 -22.23
CA ALA A 517 -28.69 10.75 -23.69
C ALA A 517 -29.86 11.58 -24.21
N ARG A 518 -31.03 11.43 -23.59
CA ARG A 518 -32.24 12.04 -24.11
C ARG A 518 -32.32 13.54 -23.83
N LEU A 519 -31.41 14.12 -23.06
CA LEU A 519 -31.54 15.51 -22.64
C LEU A 519 -30.56 16.45 -23.31
N TRP A 520 -29.79 15.99 -24.29
CA TRP A 520 -29.09 16.89 -25.20
C TRP A 520 -29.70 16.95 -26.59
N LYS A 521 -30.75 16.17 -26.85
CA LYS A 521 -31.33 16.10 -28.18
C LYS A 521 -31.83 17.49 -28.60
N HIS A 522 -32.11 17.62 -29.90
CA HIS A 522 -32.64 18.85 -30.45
C HIS A 522 -34.16 18.92 -30.38
N ALA A 523 -34.83 17.82 -30.04
CA ALA A 523 -36.27 17.79 -29.94
C ALA A 523 -36.77 18.04 -28.51
N ASN A 524 -35.87 18.17 -27.55
CA ASN A 524 -36.29 18.44 -26.18
C ASN A 524 -36.86 19.85 -26.07
N PRO A 525 -38.04 20.03 -25.48
CA PRO A 525 -38.59 21.38 -25.33
C PRO A 525 -37.68 22.26 -24.49
N GLY A 526 -37.57 23.52 -24.89
CA GLY A 526 -36.69 24.46 -24.21
C GLY A 526 -35.24 24.37 -24.61
N GLY A 527 -34.90 23.52 -25.58
CA GLY A 527 -33.53 23.35 -26.00
C GLY A 527 -32.79 22.35 -25.13
N PRO A 528 -31.60 21.93 -25.58
CA PRO A 528 -30.81 20.99 -24.78
C PRO A 528 -30.38 21.62 -23.45
N ILE A 529 -30.25 20.78 -22.44
CA ILE A 529 -29.86 21.24 -21.11
C ILE A 529 -28.36 21.49 -21.12
N TYR A 530 -27.98 22.76 -20.90
CA TYR A 530 -26.57 23.14 -20.82
C TYR A 530 -26.18 23.21 -19.35
N PHE A 531 -25.90 22.04 -18.78
CA PHE A 531 -25.61 21.93 -17.36
C PHE A 531 -24.12 22.05 -17.03
N LEU A 532 -23.24 21.77 -17.98
CA LEU A 532 -21.81 21.98 -17.79
C LEU A 532 -21.56 23.49 -17.87
N LYS A 533 -21.86 24.17 -16.77
CA LYS A 533 -21.85 25.63 -16.73
C LYS A 533 -21.11 26.09 -15.48
N GLY A 534 -20.58 27.30 -15.54
CA GLY A 534 -19.95 27.93 -14.39
C GLY A 534 -18.65 27.29 -13.94
N LEU A 535 -18.08 26.37 -14.71
CA LEU A 535 -16.86 25.68 -14.33
C LEU A 535 -15.65 26.41 -14.91
N SER A 536 -14.69 26.72 -14.03
CA SER A 536 -13.43 27.30 -14.45
C SER A 536 -12.22 26.57 -13.89
N HIS A 537 -12.41 25.60 -13.00
CA HIS A 537 -11.32 24.83 -12.41
C HIS A 537 -11.60 23.33 -12.50
N LEU A 538 -12.17 22.89 -13.62
CA LEU A 538 -12.45 21.48 -13.85
C LEU A 538 -11.26 20.85 -14.57
N HIS A 539 -10.71 19.78 -13.99
CA HIS A 539 -9.55 19.11 -14.56
C HIS A 539 -9.95 17.88 -15.39
N ILE A 540 -10.66 16.95 -14.78
CA ILE A 540 -11.09 15.72 -15.43
C ILE A 540 -12.61 15.66 -15.39
N LEU A 541 -13.23 15.47 -16.55
CA LEU A 541 -14.69 15.42 -16.69
C LEU A 541 -14.99 14.17 -17.50
N ASN A 542 -15.31 13.08 -16.82
CA ASN A 542 -15.55 11.80 -17.49
C ASN A 542 -17.04 11.68 -17.80
N LEU A 543 -17.42 12.14 -19.00
CA LEU A 543 -18.76 11.95 -19.53
C LEU A 543 -18.72 10.76 -20.48
N GLU A 544 -18.89 9.56 -19.93
CA GLU A 544 -18.68 8.33 -20.67
C GLU A 544 -19.97 7.52 -20.64
N SER A 545 -20.03 6.50 -21.52
CA SER A 545 -20.99 5.40 -21.41
C SER A 545 -22.41 5.87 -21.11
N ASN A 546 -22.81 6.98 -21.73
CA ASN A 546 -24.16 7.53 -21.54
C ASN A 546 -25.04 7.27 -22.76
N GLY A 547 -24.58 7.68 -23.94
CA GLY A 547 -25.35 7.49 -25.15
C GLY A 547 -25.67 8.77 -25.89
N PHE A 548 -24.87 9.81 -25.67
CA PHE A 548 -25.05 11.07 -26.38
C PHE A 548 -24.71 10.87 -27.85
N ASP A 549 -25.72 10.73 -28.69
CA ASP A 549 -25.49 10.81 -30.14
C ASP A 549 -25.76 12.21 -30.66
N GLU A 550 -25.19 13.22 -29.99
CA GLU A 550 -25.34 14.62 -30.37
C GLU A 550 -24.48 15.48 -29.45
N ILE A 551 -23.95 16.58 -29.97
CA ILE A 551 -23.19 17.52 -29.15
C ILE A 551 -23.58 18.94 -29.52
N PRO A 552 -24.03 19.75 -28.58
CA PRO A 552 -24.26 21.17 -28.88
C PRO A 552 -22.96 21.87 -29.23
N VAL A 553 -23.08 22.87 -30.11
CA VAL A 553 -21.89 23.57 -30.59
C VAL A 553 -21.19 24.29 -29.45
N GLU A 554 -21.94 24.82 -28.50
CA GLU A 554 -21.39 25.62 -27.40
C GLU A 554 -21.56 24.92 -26.05
N VAL A 555 -21.50 23.58 -26.04
CA VAL A 555 -21.73 22.85 -24.81
C VAL A 555 -20.51 22.90 -23.89
N PHE A 556 -19.34 23.27 -24.43
CA PHE A 556 -18.09 23.27 -23.67
C PHE A 556 -17.50 24.67 -23.61
N LYS A 557 -18.36 25.69 -23.47
CA LYS A 557 -17.88 27.06 -23.47
C LYS A 557 -17.13 27.39 -22.19
N ASP A 558 -17.68 27.02 -21.04
CA ASP A 558 -17.09 27.43 -19.77
C ASP A 558 -15.75 26.76 -19.49
N LEU A 559 -15.46 25.63 -20.10
CA LEU A 559 -14.26 24.86 -19.79
C LEU A 559 -13.09 25.40 -20.59
N PHE A 560 -12.16 26.06 -19.90
CA PHE A 560 -10.99 26.67 -20.54
C PHE A 560 -9.67 26.02 -20.13
N GLU A 561 -9.48 25.73 -18.85
CA GLU A 561 -8.26 25.09 -18.37
C GLU A 561 -8.40 23.58 -18.26
N LEU A 562 -9.50 23.02 -18.75
CA LEU A 562 -9.73 21.59 -18.63
C LEU A 562 -8.70 20.79 -19.40
N LYS A 563 -8.27 19.67 -18.82
CA LYS A 563 -7.21 18.85 -19.37
C LYS A 563 -7.73 17.63 -20.14
N ILE A 564 -8.57 16.82 -19.50
CA ILE A 564 -9.10 15.60 -20.10
C ILE A 564 -10.61 15.70 -20.14
N ILE A 565 -11.19 15.52 -21.33
CA ILE A 565 -12.61 15.76 -21.60
C ILE A 565 -13.25 14.47 -22.10
N ASP A 566 -12.84 13.34 -21.53
CA ASP A 566 -13.22 12.02 -22.03
C ASP A 566 -14.70 11.88 -22.33
N LEU A 567 -15.04 11.67 -23.60
CA LEU A 567 -16.37 11.20 -24.01
C LEU A 567 -16.18 9.85 -24.69
N GLY A 568 -16.49 8.76 -23.98
CA GLY A 568 -16.22 7.44 -24.50
C GLY A 568 -17.40 6.51 -24.37
N LEU A 569 -17.31 5.40 -25.11
CA LEU A 569 -18.29 4.31 -25.05
C LEU A 569 -19.72 4.80 -25.30
N ASN A 570 -19.86 5.67 -26.30
CA ASN A 570 -21.15 6.20 -26.69
C ASN A 570 -21.46 5.83 -28.13
N ASN A 571 -22.62 6.27 -28.61
CA ASN A 571 -23.01 6.16 -30.02
C ASN A 571 -22.88 7.48 -30.74
N LEU A 572 -21.81 8.22 -30.43
CA LEU A 572 -21.64 9.59 -30.88
C LEU A 572 -20.81 9.64 -32.15
N ASN A 573 -21.23 10.50 -33.08
CA ASN A 573 -20.53 10.69 -34.34
C ASN A 573 -20.87 12.08 -34.87
N THR A 574 -20.27 12.43 -36.01
CA THR A 574 -20.51 13.69 -36.69
C THR A 574 -20.28 14.87 -35.76
N LEU A 575 -19.03 15.00 -35.31
CA LEU A 575 -18.69 16.07 -34.38
C LEU A 575 -18.92 17.43 -35.03
N PRO A 576 -19.66 18.32 -34.39
CA PRO A 576 -19.82 19.66 -34.96
C PRO A 576 -18.50 20.43 -34.95
N ALA A 577 -18.39 21.34 -35.91
CA ALA A 577 -17.19 22.17 -36.00
C ALA A 577 -17.07 23.08 -34.78
N SER A 578 -15.82 23.45 -34.48
CA SER A 578 -15.49 24.35 -33.36
C SER A 578 -15.94 23.79 -32.02
N VAL A 579 -16.16 22.47 -31.94
CA VAL A 579 -16.57 21.87 -30.66
C VAL A 579 -15.45 21.99 -29.62
N PHE A 580 -14.19 21.91 -30.05
CA PHE A 580 -13.05 22.16 -29.17
C PHE A 580 -12.33 23.45 -29.53
N ASN A 581 -13.07 24.44 -30.06
CA ASN A 581 -12.46 25.67 -30.52
C ASN A 581 -11.82 26.44 -29.37
N ASN A 582 -12.50 26.53 -28.23
CA ASN A 582 -12.04 27.39 -27.15
C ASN A 582 -11.16 26.67 -26.13
N GLN A 583 -11.16 25.34 -26.11
CA GLN A 583 -10.30 24.61 -25.19
C GLN A 583 -8.88 24.62 -25.74
N VAL A 584 -7.96 25.22 -24.99
CA VAL A 584 -6.57 25.40 -25.42
C VAL A 584 -5.64 24.44 -24.69
N SER A 585 -5.75 24.34 -23.36
CA SER A 585 -4.91 23.46 -22.57
C SER A 585 -5.51 22.06 -22.45
N LEU A 586 -5.86 21.47 -23.60
CA LEU A 586 -6.54 20.18 -23.62
C LEU A 586 -5.50 19.10 -23.91
N LYS A 587 -4.87 18.64 -22.84
CA LYS A 587 -3.75 17.70 -22.91
C LYS A 587 -4.17 16.30 -23.27
N SER A 588 -5.42 16.03 -23.64
CA SER A 588 -5.81 14.70 -24.08
C SER A 588 -7.23 14.77 -24.63
N LEU A 589 -7.56 13.80 -25.45
CA LEU A 589 -8.93 13.49 -25.86
C LEU A 589 -9.17 12.02 -25.62
N ASN A 590 -10.43 11.60 -25.74
CA ASN A 590 -10.76 10.18 -25.78
C ASN A 590 -12.17 10.05 -26.33
N LEU A 591 -12.30 9.36 -27.45
CA LEU A 591 -13.59 9.11 -28.06
C LEU A 591 -13.68 7.63 -28.44
N GLN A 592 -13.33 6.77 -27.47
CA GLN A 592 -13.28 5.34 -27.71
C GLN A 592 -14.66 4.77 -27.96
N LYS A 593 -14.73 3.81 -28.89
CA LYS A 593 -15.95 3.04 -29.18
C LYS A 593 -17.13 3.96 -29.52
N ASN A 594 -16.95 4.72 -30.58
CA ASN A 594 -18.01 5.59 -31.09
C ASN A 594 -18.25 5.32 -32.57
N LEU A 595 -19.05 6.16 -33.22
CA LEU A 595 -19.36 6.01 -34.64
C LEU A 595 -18.64 7.05 -35.49
N ILE A 596 -17.54 7.63 -35.00
CA ILE A 596 -16.79 8.62 -35.76
C ILE A 596 -16.12 7.94 -36.95
N THR A 597 -16.31 8.53 -38.13
CA THR A 597 -15.78 7.95 -39.36
C THR A 597 -14.91 8.96 -40.12
N SER A 598 -15.29 10.23 -40.08
CA SER A 598 -14.63 11.27 -40.87
C SER A 598 -14.00 12.30 -39.95
N VAL A 599 -12.73 12.62 -40.22
CA VAL A 599 -11.98 13.64 -39.49
C VAL A 599 -11.70 14.80 -40.43
N GLU A 600 -11.84 16.01 -39.91
CA GLU A 600 -11.65 17.21 -40.72
C GLU A 600 -10.70 18.15 -40.01
N LYS A 601 -9.95 18.94 -40.80
CA LYS A 601 -8.99 19.87 -40.25
C LYS A 601 -9.66 20.97 -39.42
N LYS A 602 -10.96 21.18 -39.58
CA LYS A 602 -11.71 22.11 -38.75
C LYS A 602 -12.37 21.40 -37.57
N VAL A 603 -12.85 20.17 -37.79
CA VAL A 603 -13.52 19.43 -36.73
C VAL A 603 -12.54 19.05 -35.63
N PHE A 604 -11.38 18.52 -36.01
CA PHE A 604 -10.41 18.01 -35.04
C PHE A 604 -9.03 18.63 -35.21
N GLY A 605 -8.95 19.81 -35.81
CA GLY A 605 -7.68 20.48 -35.99
C GLY A 605 -7.19 21.20 -34.76
N PRO A 606 -7.95 22.22 -34.32
CA PRO A 606 -7.49 23.01 -33.16
C PRO A 606 -7.34 22.21 -31.89
N ALA A 607 -8.01 21.06 -31.76
CA ALA A 607 -7.88 20.26 -30.56
C ALA A 607 -6.54 19.51 -30.49
N PHE A 608 -5.93 19.24 -31.63
CA PHE A 608 -4.67 18.49 -31.68
C PHE A 608 -3.48 19.45 -31.77
N ARG A 609 -3.28 20.23 -30.70
CA ARG A 609 -2.21 21.23 -30.66
C ARG A 609 -1.14 20.88 -29.65
N ASN A 610 -1.51 20.70 -28.38
CA ASN A 610 -0.59 20.34 -27.32
C ASN A 610 -0.97 19.00 -26.70
N LEU A 611 -1.40 18.07 -27.56
CA LEU A 611 -1.96 16.82 -27.11
C LEU A 611 -0.85 15.85 -26.68
N THR A 612 -1.24 14.85 -25.89
CA THR A 612 -0.31 13.83 -25.42
C THR A 612 -0.83 12.40 -25.59
N GLU A 613 -2.14 12.18 -25.61
CA GLU A 613 -2.69 10.83 -25.75
C GLU A 613 -3.99 10.87 -26.55
N LEU A 614 -4.23 9.81 -27.32
CA LEU A 614 -5.49 9.61 -28.01
C LEU A 614 -5.91 8.15 -27.95
N ASP A 615 -7.20 7.92 -27.77
CA ASP A 615 -7.76 6.57 -27.74
C ASP A 615 -9.03 6.52 -28.58
N MET A 616 -8.98 7.08 -29.79
CA MET A 616 -10.05 6.89 -30.77
C MET A 616 -9.88 5.49 -31.34
N ARG A 617 -10.25 4.50 -30.52
CA ARG A 617 -9.75 3.14 -30.75
C ARG A 617 -10.58 2.39 -31.80
N PHE A 618 -11.85 2.15 -31.52
CA PHE A 618 -12.61 1.14 -32.27
C PHE A 618 -13.68 1.75 -33.17
N ASN A 619 -13.73 3.05 -33.32
CA ASN A 619 -14.70 3.65 -34.23
C ASN A 619 -14.46 3.20 -35.66
N PRO A 620 -15.49 2.78 -36.41
CA PRO A 620 -15.28 2.21 -37.73
C PRO A 620 -15.02 3.27 -38.80
N PHE A 621 -13.77 3.69 -38.93
CA PHE A 621 -13.41 4.79 -39.83
C PHE A 621 -13.85 4.49 -41.26
N ASP A 622 -14.54 5.45 -41.86
CA ASP A 622 -14.68 5.45 -43.32
C ASP A 622 -13.33 5.74 -43.93
N CYS A 623 -12.93 4.92 -44.91
CA CYS A 623 -11.54 4.90 -45.37
C CYS A 623 -11.49 5.37 -46.82
N THR A 624 -11.43 6.69 -47.00
CA THR A 624 -11.34 7.30 -48.31
C THR A 624 -10.36 8.46 -48.25
N CYS A 625 -9.91 8.92 -49.43
CA CYS A 625 -8.86 9.94 -49.48
C CYS A 625 -9.31 11.26 -48.87
N GLU A 626 -10.61 11.47 -48.71
CA GLU A 626 -11.12 12.67 -48.06
C GLU A 626 -11.52 12.43 -46.61
N SER A 627 -11.85 11.19 -46.25
CA SER A 627 -12.25 10.92 -44.87
C SER A 627 -11.06 11.02 -43.92
N ILE A 628 -9.94 10.40 -44.27
CA ILE A 628 -8.73 10.43 -43.45
C ILE A 628 -7.57 10.87 -44.34
N ALA A 629 -7.33 12.18 -44.38
CA ALA A 629 -6.13 12.75 -45.01
C ALA A 629 -5.32 13.57 -44.03
N TRP A 630 -5.96 14.53 -43.35
CA TRP A 630 -5.27 15.25 -42.29
C TRP A 630 -4.84 14.31 -41.19
N PHE A 631 -5.62 13.26 -40.92
CA PHE A 631 -5.26 12.31 -39.88
C PHE A 631 -3.98 11.55 -40.22
N VAL A 632 -3.83 11.09 -41.46
CA VAL A 632 -2.60 10.37 -41.82
C VAL A 632 -1.42 11.33 -41.89
N ASN A 633 -1.63 12.53 -42.46
CA ASN A 633 -0.54 13.50 -42.50
C ASN A 633 -0.14 13.97 -41.11
N TRP A 634 -1.01 13.79 -40.11
CA TRP A 634 -0.69 14.15 -38.74
C TRP A 634 -0.06 12.98 -37.98
N ILE A 635 -0.47 11.75 -38.26
CA ILE A 635 0.16 10.59 -37.63
C ILE A 635 1.48 10.23 -38.29
N ASN A 636 1.82 10.87 -39.41
CA ASN A 636 3.16 10.71 -39.95
C ASN A 636 4.21 11.16 -38.95
N GLU A 637 4.04 12.35 -38.37
CA GLU A 637 4.89 12.85 -37.30
C GLU A 637 4.06 12.99 -36.03
N THR A 638 4.37 12.17 -35.03
CA THR A 638 3.57 12.09 -33.81
C THR A 638 4.35 12.70 -32.65
N HIS A 639 4.23 14.02 -32.49
CA HIS A 639 4.67 14.65 -31.24
C HIS A 639 3.76 14.29 -30.08
N THR A 640 2.61 13.68 -30.35
CA THR A 640 1.67 13.23 -29.32
C THR A 640 1.86 11.73 -29.12
N ASN A 641 2.21 11.34 -27.90
CA ASN A 641 2.54 9.95 -27.60
C ASN A 641 1.26 9.12 -27.64
N ILE A 642 0.81 8.84 -28.85
CA ILE A 642 -0.43 8.06 -29.02
C ILE A 642 -0.15 6.61 -28.71
N PRO A 643 -1.12 5.88 -28.14
CA PRO A 643 -0.95 4.44 -27.97
C PRO A 643 -0.94 3.69 -29.29
N GLU A 644 -0.89 2.36 -29.21
CA GLU A 644 -0.56 1.53 -30.36
C GLU A 644 -1.56 1.73 -31.50
N LEU A 645 -1.05 1.67 -32.72
CA LEU A 645 -1.86 1.81 -33.93
C LEU A 645 -1.99 0.50 -34.69
N SER A 646 -1.57 -0.61 -34.11
CA SER A 646 -1.52 -1.90 -34.80
C SER A 646 -2.83 -2.65 -34.58
N SER A 647 -3.49 -3.01 -35.68
CA SER A 647 -4.70 -3.84 -35.67
C SER A 647 -5.84 -3.24 -34.87
N HIS A 648 -5.84 -1.92 -34.70
CA HIS A 648 -6.95 -1.28 -33.98
C HIS A 648 -7.64 -0.20 -34.79
N TYR A 649 -6.91 0.58 -35.57
CA TYR A 649 -7.51 1.56 -36.46
C TYR A 649 -7.64 0.89 -37.83
N LEU A 650 -8.87 0.65 -38.27
CA LEU A 650 -9.10 -0.15 -39.46
C LEU A 650 -10.07 0.56 -40.40
N CYS A 651 -9.94 0.26 -41.69
CA CYS A 651 -10.84 0.76 -42.70
C CYS A 651 -12.02 -0.20 -42.81
N ASN A 652 -13.23 0.32 -42.60
CA ASN A 652 -14.37 -0.59 -42.49
C ASN A 652 -15.52 -0.25 -43.43
N THR A 653 -15.80 1.05 -43.64
CA THR A 653 -17.01 1.41 -44.40
C THR A 653 -16.86 1.14 -45.89
N PRO A 654 -15.89 1.68 -46.61
CA PRO A 654 -15.89 1.54 -48.06
C PRO A 654 -15.26 0.24 -48.49
N PRO A 655 -15.99 -0.57 -49.26
CA PRO A 655 -15.39 -1.83 -49.78
C PRO A 655 -14.25 -1.60 -50.76
N HIS A 656 -14.11 -0.38 -51.30
CA HIS A 656 -13.07 -0.12 -52.30
C HIS A 656 -11.68 -0.36 -51.72
N TYR A 657 -11.44 0.11 -50.50
CA TYR A 657 -10.13 -0.05 -49.86
C TYR A 657 -10.32 -0.51 -48.41
N HIS A 658 -11.20 -1.49 -48.21
CA HIS A 658 -11.53 -1.97 -46.88
C HIS A 658 -10.43 -2.84 -46.29
N GLY A 659 -10.36 -2.86 -44.96
CA GLY A 659 -9.40 -3.70 -44.26
C GLY A 659 -7.98 -3.20 -44.32
N PHE A 660 -7.72 -2.03 -43.76
CA PHE A 660 -6.39 -1.44 -43.79
C PHE A 660 -6.13 -0.57 -42.56
N PRO A 661 -4.94 -0.66 -41.96
CA PRO A 661 -4.59 0.32 -40.92
C PRO A 661 -4.49 1.72 -41.50
N VAL A 662 -4.70 2.71 -40.63
CA VAL A 662 -4.79 4.10 -41.09
C VAL A 662 -3.47 4.56 -41.68
N ARG A 663 -2.35 4.23 -41.03
CA ARG A 663 -1.04 4.69 -41.50
C ARG A 663 -0.71 4.18 -42.90
N LEU A 664 -1.29 3.06 -43.32
CA LEU A 664 -0.98 2.48 -44.61
C LEU A 664 -1.74 3.13 -45.76
N PHE A 665 -2.53 4.16 -45.48
CA PHE A 665 -3.19 4.92 -46.53
C PHE A 665 -2.16 5.66 -47.38
N ASP A 666 -2.40 5.69 -48.69
CA ASP A 666 -1.52 6.41 -49.63
C ASP A 666 -1.99 7.85 -49.70
N THR A 667 -1.13 8.78 -49.24
CA THR A 667 -1.51 10.19 -49.20
C THR A 667 -1.48 10.82 -50.59
N SER A 668 -0.48 10.48 -51.40
CA SER A 668 -0.27 11.16 -52.68
C SER A 668 -1.31 10.76 -53.73
N SER A 669 -2.04 9.67 -53.52
CA SER A 669 -2.99 9.20 -54.53
C SER A 669 -4.09 10.23 -54.77
N CYS A 670 -4.61 10.84 -53.72
CA CYS A 670 -5.70 11.80 -53.85
C CYS A 670 -5.16 13.22 -53.95
N SER B 1 -3.69 20.85 -4.41
CA SER B 1 -4.59 20.18 -5.34
C SER B 1 -4.98 18.80 -4.83
N ALA B 2 -6.05 18.24 -5.40
CA ALA B 2 -6.54 16.93 -5.02
C ALA B 2 -6.09 15.83 -5.99
N MET B 3 -5.18 16.15 -6.91
CA MET B 3 -4.73 15.16 -7.89
C MET B 3 -4.04 13.99 -7.21
N GLU B 4 -3.20 14.25 -6.21
CA GLU B 4 -2.55 13.16 -5.48
C GLU B 4 -3.58 12.32 -4.72
N TYR B 5 -4.52 12.96 -4.04
CA TYR B 5 -5.52 12.15 -3.37
C TYR B 5 -6.49 11.53 -4.36
N TYR B 6 -6.58 12.07 -5.58
CA TYR B 6 -7.39 11.42 -6.61
C TYR B 6 -6.71 10.15 -7.13
N VAL B 7 -5.39 10.17 -7.32
CA VAL B 7 -4.72 8.95 -7.70
C VAL B 7 -4.69 7.95 -6.55
N LYS B 8 -4.82 8.42 -5.30
CA LYS B 8 -5.04 7.49 -4.20
C LYS B 8 -6.47 6.96 -4.18
N GLU B 9 -7.43 7.83 -4.50
CA GLU B 9 -8.85 7.50 -4.47
C GLU B 9 -9.18 6.42 -5.49
N LEU B 10 -8.64 6.54 -6.70
CA LEU B 10 -8.91 5.54 -7.73
C LEU B 10 -8.40 4.17 -7.31
N LEU B 11 -7.19 4.12 -6.73
CA LEU B 11 -6.67 2.84 -6.24
C LEU B 11 -7.57 2.27 -5.14
N ARG B 12 -7.91 3.07 -4.12
CA ARG B 12 -8.70 2.53 -3.03
C ARG B 12 -10.07 2.05 -3.52
N THR B 13 -10.72 2.83 -4.39
CA THR B 13 -11.96 2.39 -4.99
C THR B 13 -11.77 1.13 -5.82
N ALA B 14 -10.58 0.96 -6.41
CA ALA B 14 -10.29 -0.27 -7.13
C ALA B 14 -10.27 -1.48 -6.20
N GLU B 15 -9.63 -1.36 -5.03
CA GLU B 15 -9.69 -2.51 -4.11
C GLU B 15 -11.12 -2.72 -3.60
N TYR B 16 -11.87 -1.64 -3.36
CA TYR B 16 -13.25 -1.81 -2.92
C TYR B 16 -14.07 -2.55 -3.97
N ALA B 17 -13.94 -2.18 -5.24
CA ALA B 17 -14.66 -2.86 -6.31
C ALA B 17 -14.19 -4.29 -6.47
N ARG B 18 -12.88 -4.53 -6.34
CA ARG B 18 -12.36 -5.89 -6.46
C ARG B 18 -12.91 -6.79 -5.37
N GLU B 19 -13.00 -6.27 -4.14
CA GLU B 19 -13.69 -6.99 -3.08
C GLU B 19 -15.19 -7.12 -3.34
N ALA B 20 -15.77 -6.21 -4.13
CA ALA B 20 -17.17 -6.30 -4.49
C ALA B 20 -17.41 -6.97 -5.84
N GLY B 21 -16.38 -7.12 -6.67
CA GLY B 21 -16.51 -7.83 -7.93
C GLY B 21 -16.92 -7.00 -9.13
N ASP B 22 -16.14 -5.96 -9.44
CA ASP B 22 -16.38 -5.12 -10.62
C ASP B 22 -15.07 -5.02 -11.41
N PRO B 23 -14.65 -6.10 -12.07
CA PRO B 23 -13.31 -6.11 -12.69
C PRO B 23 -13.10 -5.07 -13.76
N GLU B 24 -14.13 -4.76 -14.56
CA GLU B 24 -13.94 -3.80 -15.66
C GLU B 24 -13.61 -2.41 -15.13
N TYR B 25 -14.30 -1.97 -14.08
CA TYR B 25 -13.96 -0.68 -13.49
C TYR B 25 -12.60 -0.74 -12.81
N VAL B 26 -12.20 -1.90 -12.29
CA VAL B 26 -10.87 -2.03 -11.71
C VAL B 26 -9.81 -1.77 -12.78
N ARG B 27 -9.99 -2.39 -13.96
CA ARG B 27 -9.03 -2.20 -15.04
C ARG B 27 -9.03 -0.75 -15.52
N LYS B 28 -10.22 -0.16 -15.67
CA LYS B 28 -10.30 1.24 -16.09
C LYS B 28 -9.64 2.17 -15.09
N ALA B 29 -9.86 1.93 -13.80
CA ALA B 29 -9.26 2.75 -12.76
C ALA B 29 -7.74 2.61 -12.76
N LEU B 30 -7.23 1.39 -12.94
CA LEU B 30 -5.79 1.20 -12.99
C LEU B 30 -5.18 1.95 -14.18
N GLU B 31 -5.79 1.82 -15.35
CA GLU B 31 -5.28 2.53 -16.53
C GLU B 31 -5.36 4.04 -16.34
N LYS B 32 -6.46 4.53 -15.77
CA LYS B 32 -6.62 5.96 -15.56
C LYS B 32 -5.60 6.49 -14.55
N ALA B 33 -5.35 5.73 -13.49
CA ALA B 33 -4.36 6.13 -12.50
C ALA B 33 -2.97 6.17 -13.10
N GLU B 34 -2.63 5.18 -13.93
CA GLU B 34 -1.33 5.20 -14.60
C GLU B 34 -1.20 6.40 -15.53
N LEU B 35 -2.27 6.70 -16.29
CA LEU B 35 -2.24 7.83 -17.20
C LEU B 35 -2.11 9.15 -16.45
N VAL B 36 -2.82 9.29 -15.33
CA VAL B 36 -2.73 10.51 -14.54
C VAL B 36 -1.36 10.63 -13.90
N ALA B 37 -0.77 9.50 -13.49
CA ALA B 37 0.60 9.53 -13.00
C ALA B 37 1.56 10.02 -14.09
N ARG B 38 1.35 9.58 -15.33
CA ARG B 38 2.14 10.09 -16.44
C ARG B 38 1.95 11.60 -16.59
N ILE B 39 0.70 12.07 -16.54
CA ILE B 39 0.44 13.48 -16.75
C ILE B 39 0.84 14.32 -15.55
N LEU B 40 1.05 13.70 -14.39
CA LEU B 40 1.67 14.39 -13.26
C LEU B 40 3.16 14.06 -13.18
#